data_3DWF
#
_entry.id   3DWF
#
_cell.length_a   78.080
_cell.length_b   85.920
_cell.length_c   176.280
_cell.angle_alpha   90.000
_cell.angle_beta   90.000
_cell.angle_gamma   90.000
#
_symmetry.space_group_name_H-M   'P 21 21 21'
#
loop_
_entity.id
_entity.type
_entity.pdbx_description
1 polymer '11-beta-hydroxysteroid dehydrogenase 1'
2 non-polymer 'NADP NICOTINAMIDE-ADENINE-DINUCLEOTIDE PHOSPHATE'
3 non-polymer 'SULFATE ION'
4 non-polymer GLYCEROL
5 water water
#
_entity_poly.entity_id   1
_entity_poly.type   'polypeptide(L)'
_entity_poly.pdbx_seq_one_letter_code
;NEKFRPEMLQGKKVIVTGASKGIGREIAYHLAKMGAHVVVTARSKEALQKVVARCLELGAASAHYIAGSMEDMTFAEEFV
AEAGNLMGGLDMLILNHVLYNRLTFFHGEIDNVRKSMEVNFHSFVVLSVAAMPMLMQSQGSIAVVSSVAGKITYPLIAPY
SASKFALDGFFSTLRSEFLVNKVNVSITLCILGLIDTETAIKATSGIYLGPASPKEECALEIIKGTALRQDEMYYVGSRW
VPYLLGNPGRKIMEELSAAEYNWDNVLSNEKLYGRW
;
_entity_poly.pdbx_strand_id   A,B,C,D
#
# COMPACT_ATOMS: atom_id res chain seq x y z
N GLU A 2 12.62 23.82 17.92
CA GLU A 2 11.41 23.02 17.76
C GLU A 2 11.39 22.32 16.40
N LYS A 3 12.31 22.70 15.52
CA LYS A 3 12.47 22.01 14.25
C LYS A 3 13.32 20.75 14.40
N PHE A 4 12.96 19.71 13.66
CA PHE A 4 13.71 18.46 13.68
C PHE A 4 15.03 18.58 12.93
N ARG A 5 16.06 17.92 13.47
CA ARG A 5 17.34 17.80 12.79
C ARG A 5 17.86 16.36 12.90
N PRO A 6 18.36 15.80 11.79
CA PRO A 6 18.83 14.42 11.76
C PRO A 6 19.87 14.12 12.85
N GLU A 7 20.48 15.16 13.38
CA GLU A 7 21.49 15.00 14.42
C GLU A 7 20.89 14.57 15.75
N MET A 8 19.59 14.77 15.90
CA MET A 8 18.88 14.36 17.10
C MET A 8 18.97 12.85 17.29
N LEU A 9 19.37 12.14 16.25
CA LEU A 9 19.42 10.69 16.31
C LEU A 9 20.82 10.09 16.15
N GLN A 10 21.80 10.92 15.89
CA GLN A 10 23.18 10.44 15.80
C GLN A 10 23.63 9.90 17.15
N GLY A 11 24.09 8.65 17.17
CA GLY A 11 24.54 8.02 18.40
C GLY A 11 23.43 7.46 19.28
N LYS A 12 22.18 7.76 18.93
CA LYS A 12 21.04 7.26 19.72
C LYS A 12 20.89 5.75 19.59
N LYS A 13 20.36 5.12 20.63
CA LYS A 13 20.20 3.67 20.66
C LYS A 13 18.73 3.30 20.46
N VAL A 14 18.42 2.77 19.28
CA VAL A 14 17.03 2.59 18.87
C VAL A 14 16.69 1.14 18.58
N ILE A 15 15.50 0.72 19.01
CA ILE A 15 14.97 -0.57 18.63
C ILE A 15 13.86 -0.39 17.62
N VAL A 16 13.92 -1.13 16.52
CA VAL A 16 12.81 -1.15 15.57
C VAL A 16 12.25 -2.56 15.43
N THR A 17 11.00 -2.75 15.82
CA THR A 17 10.35 -4.05 15.62
C THR A 17 9.64 -4.08 14.26
N GLY A 18 9.37 -5.28 13.76
CA GLY A 18 8.75 -5.46 12.47
C GLY A 18 9.53 -4.78 11.35
N ALA A 19 10.85 -4.98 11.35
CA ALA A 19 11.73 -4.22 10.47
C ALA A 19 12.34 -5.00 9.31
N SER A 20 11.74 -6.14 8.97
CA SER A 20 12.26 -6.93 7.87
C SER A 20 11.69 -6.47 6.52
N LYS A 21 10.61 -5.69 6.57
CA LYS A 21 10.02 -5.13 5.36
C LYS A 21 9.12 -3.94 5.66
N GLY A 22 8.46 -3.41 4.64
CA GLY A 22 7.51 -2.33 4.80
C GLY A 22 8.07 -1.11 5.51
N ILE A 23 7.19 -0.42 6.24
CA ILE A 23 7.54 0.80 6.96
C ILE A 23 8.72 0.61 7.91
N GLY A 24 8.70 -0.49 8.67
CA GLY A 24 9.74 -0.77 9.63
C GLY A 24 11.13 -0.82 9.02
N ARG A 25 11.27 -1.51 7.89
CA ARG A 25 12.53 -1.54 7.19
C ARG A 25 13.00 -0.13 6.85
N GLU A 26 12.09 0.69 6.33
CA GLU A 26 12.41 2.06 5.94
C GLU A 26 12.80 2.91 7.14
N ILE A 27 12.21 2.60 8.29
CA ILE A 27 12.54 3.29 9.53
C ILE A 27 13.98 2.97 9.90
N ALA A 28 14.36 1.71 9.75
CA ALA A 28 15.73 1.29 9.99
C ALA A 28 16.70 2.05 9.08
N TYR A 29 16.37 2.13 7.79
CA TYR A 29 17.24 2.78 6.82
C TYR A 29 17.46 4.26 7.14
N HIS A 30 16.38 4.97 7.47
CA HIS A 30 16.49 6.38 7.85
C HIS A 30 17.41 6.54 9.06
N LEU A 31 17.18 5.71 10.08
CA LEU A 31 17.98 5.76 11.30
C LEU A 31 19.46 5.54 11.00
N ALA A 32 19.74 4.64 10.06
CA ALA A 32 21.12 4.36 9.67
C ALA A 32 21.75 5.58 9.01
N LYS A 33 21.00 6.21 8.11
CA LYS A 33 21.46 7.44 7.46
C LYS A 33 21.78 8.53 8.48
N MET A 34 21.13 8.48 9.64
CA MET A 34 21.31 9.51 10.67
C MET A 34 22.39 9.10 11.66
N GLY A 35 23.02 7.96 11.44
CA GLY A 35 24.11 7.50 12.27
C GLY A 35 23.70 7.05 13.66
N ALA A 36 22.53 6.42 13.76
CA ALA A 36 22.07 5.86 15.02
C ALA A 36 22.53 4.41 15.18
N HIS A 37 22.55 3.93 16.42
CA HIS A 37 22.68 2.49 16.67
C HIS A 37 21.29 1.88 16.55
N VAL A 38 21.18 0.76 15.84
CA VAL A 38 19.87 0.11 15.70
C VAL A 38 19.93 -1.38 15.98
N VAL A 39 18.89 -1.87 16.63
CA VAL A 39 18.64 -3.31 16.72
C VAL A 39 17.29 -3.60 16.09
N VAL A 40 17.29 -4.31 14.97
CA VAL A 40 16.06 -4.60 14.26
C VAL A 40 15.56 -5.97 14.65
N THR A 41 14.24 -6.16 14.61
CA THR A 41 13.69 -7.47 14.91
C THR A 41 12.47 -7.79 14.04
N ALA A 42 12.22 -9.08 13.89
CA ALA A 42 11.13 -9.62 13.10
C ALA A 42 11.34 -11.13 13.14
N ARG A 43 10.51 -11.88 12.43
CA ARG A 43 10.65 -13.33 12.44
C ARG A 43 11.68 -13.85 11.43
N SER A 44 11.80 -13.20 10.29
CA SER A 44 12.66 -13.71 9.21
C SER A 44 14.13 -13.34 9.39
N LYS A 45 14.96 -14.35 9.61
CA LYS A 45 16.39 -14.16 9.81
C LYS A 45 17.06 -13.55 8.58
N GLU A 46 16.86 -14.17 7.43
CA GLU A 46 17.50 -13.73 6.20
C GLU A 46 17.13 -12.30 5.82
N ALA A 47 15.85 -11.96 5.96
CA ALA A 47 15.40 -10.60 5.66
C ALA A 47 16.07 -9.61 6.61
N LEU A 48 16.14 -9.97 7.88
CA LEU A 48 16.75 -9.09 8.88
C LEU A 48 18.24 -8.89 8.61
N GLN A 49 18.91 -9.97 8.22
CA GLN A 49 20.32 -9.90 7.86
C GLN A 49 20.57 -8.92 6.71
N LYS A 50 19.73 -8.96 5.68
CA LYS A 50 19.85 -8.03 4.57
C LYS A 50 19.70 -6.59 5.07
N VAL A 51 18.71 -6.37 5.93
CA VAL A 51 18.46 -5.04 6.48
C VAL A 51 19.67 -4.53 7.27
N VAL A 52 20.27 -5.39 8.08
CA VAL A 52 21.42 -4.99 8.89
C VAL A 52 22.59 -4.59 7.99
N ALA A 53 22.82 -5.38 6.95
CA ALA A 53 23.90 -5.10 6.02
C ALA A 53 23.71 -3.75 5.34
N ARG A 54 22.51 -3.54 4.81
CA ARG A 54 22.16 -2.26 4.22
C ARG A 54 22.37 -1.08 5.19
N CYS A 55 21.86 -1.20 6.42
CA CYS A 55 21.99 -0.15 7.44
C CYS A 55 23.45 0.25 7.67
N LEU A 56 24.34 -0.75 7.70
CA LEU A 56 25.76 -0.50 7.89
C LEU A 56 26.34 0.28 6.71
N GLU A 57 25.99 -0.11 5.51
CA GLU A 57 26.40 0.59 4.30
C GLU A 57 25.84 2.01 4.29
N LEU A 58 24.71 2.19 4.96
CA LEU A 58 24.03 3.47 4.96
C LEU A 58 24.62 4.45 5.96
N GLY A 59 25.37 3.93 6.92
CA GLY A 59 26.06 4.79 7.87
C GLY A 59 25.60 4.67 9.30
N ALA A 60 24.94 3.55 9.62
CA ALA A 60 24.56 3.28 11.00
C ALA A 60 25.80 3.24 11.88
N ALA A 61 25.67 3.71 13.11
CA ALA A 61 26.78 3.62 14.07
C ALA A 61 27.02 2.16 14.41
N SER A 62 25.94 1.41 14.56
CA SER A 62 26.01 -0.04 14.70
C SER A 62 24.64 -0.62 14.33
N ALA A 63 24.63 -1.90 13.96
CA ALA A 63 23.38 -2.56 13.59
C ALA A 63 23.43 -4.05 13.87
N HIS A 64 22.43 -4.52 14.60
CA HIS A 64 22.28 -5.93 14.89
C HIS A 64 20.83 -6.35 14.69
N TYR A 65 20.59 -7.65 14.63
CA TYR A 65 19.23 -8.15 14.48
C TYR A 65 19.01 -9.28 15.46
N ILE A 66 17.78 -9.39 15.94
CA ILE A 66 17.39 -10.54 16.73
C ILE A 66 16.07 -11.07 16.18
N ALA A 67 16.06 -12.35 15.77
CA ALA A 67 14.88 -12.92 15.12
C ALA A 67 14.00 -13.71 16.08
N GLY A 68 12.70 -13.50 16.00
CA GLY A 68 11.74 -14.20 16.85
C GLY A 68 10.32 -13.68 16.66
N SER A 69 9.34 -14.41 17.19
CA SER A 69 7.94 -14.03 17.06
C SER A 69 7.45 -13.23 18.25
N MET A 70 6.70 -12.18 17.98
CA MET A 70 6.13 -11.34 19.03
C MET A 70 4.87 -11.93 19.63
N GLU A 71 4.47 -13.12 19.15
CA GLU A 71 3.35 -13.85 19.75
C GLU A 71 3.85 -14.54 21.02
N ASP A 72 5.16 -14.66 21.13
CA ASP A 72 5.81 -15.25 22.29
C ASP A 72 6.27 -14.13 23.25
N MET A 73 5.62 -14.02 24.39
CA MET A 73 5.89 -12.92 25.32
C MET A 73 7.26 -13.05 25.99
N THR A 74 7.72 -14.28 26.18
CA THR A 74 9.04 -14.53 26.75
C THR A 74 10.10 -13.95 25.82
N PHE A 75 9.93 -14.16 24.52
CA PHE A 75 10.85 -13.59 23.55
C PHE A 75 10.84 -12.07 23.58
N ALA A 76 9.65 -11.47 23.52
CA ALA A 76 9.52 -10.02 23.60
C ALA A 76 10.32 -9.45 24.78
N GLU A 77 10.18 -10.08 25.94
CA GLU A 77 10.87 -9.65 27.14
C GLU A 77 12.39 -9.84 27.03
N GLU A 78 12.80 -11.05 26.65
CA GLU A 78 14.21 -11.34 26.48
C GLU A 78 14.88 -10.53 25.36
N PHE A 79 14.10 -10.22 24.33
CA PHE A 79 14.62 -9.43 23.22
C PHE A 79 15.08 -8.04 23.65
N VAL A 80 14.33 -7.39 24.53
CA VAL A 80 14.65 -6.04 24.95
C VAL A 80 15.94 -6.02 25.78
N ALA A 81 16.12 -7.03 26.62
CA ALA A 81 17.33 -7.13 27.42
C ALA A 81 18.54 -7.33 26.52
N GLU A 82 18.49 -8.33 25.64
CA GLU A 82 19.59 -8.60 24.73
C GLU A 82 19.91 -7.37 23.89
N ALA A 83 18.87 -6.66 23.43
CA ALA A 83 19.06 -5.49 22.60
C ALA A 83 19.76 -4.39 23.37
N GLY A 84 19.38 -4.23 24.63
CA GLY A 84 19.98 -3.22 25.50
C GLY A 84 21.44 -3.52 25.75
N ASN A 85 21.75 -4.79 25.91
CA ASN A 85 23.13 -5.23 26.06
C ASN A 85 23.93 -4.92 24.80
N LEU A 86 23.34 -5.18 23.64
CA LEU A 86 24.04 -4.97 22.38
C LEU A 86 24.44 -3.52 22.20
N MET A 87 23.58 -2.61 22.62
CA MET A 87 23.82 -1.18 22.43
C MET A 87 24.29 -0.49 23.69
N GLY A 88 24.18 -1.16 24.83
CA GLY A 88 24.57 -0.58 26.09
C GLY A 88 23.56 0.43 26.58
N GLY A 89 22.31 0.23 26.21
CA GLY A 89 21.25 1.13 26.62
C GLY A 89 20.18 1.28 25.55
N LEU A 90 19.28 2.24 25.75
CA LEU A 90 18.15 2.42 24.85
C LEU A 90 17.57 3.83 24.96
N ASP A 91 17.53 4.53 23.84
CA ASP A 91 16.97 5.87 23.76
C ASP A 91 15.55 5.87 23.20
N MET A 92 15.30 5.01 22.21
CA MET A 92 14.03 5.02 21.50
C MET A 92 13.56 3.62 21.17
N LEU A 93 12.29 3.34 21.51
CA LEU A 93 11.67 2.07 21.24
C LEU A 93 10.57 2.26 20.19
N ILE A 94 10.82 1.79 18.98
CA ILE A 94 9.83 1.93 17.92
C ILE A 94 8.99 0.66 17.72
N LEU A 95 7.76 0.69 18.21
CA LEU A 95 6.87 -0.47 18.13
C LEU A 95 6.06 -0.45 16.85
N ASN A 96 6.43 -1.32 15.91
CA ASN A 96 5.94 -1.21 14.55
C ASN A 96 5.30 -2.49 14.01
N HIS A 97 5.68 -3.64 14.55
CA HIS A 97 5.22 -4.92 14.01
C HIS A 97 3.70 -5.08 14.09
N VAL A 98 3.15 -5.92 13.23
CA VAL A 98 1.72 -6.17 13.25
C VAL A 98 1.35 -7.47 12.52
N LEU A 99 0.18 -8.01 12.84
CA LEU A 99 -0.43 -9.09 12.06
C LEU A 99 -1.57 -8.50 11.23
N TYR A 100 -1.46 -8.63 9.90
CA TYR A 100 -2.50 -8.18 8.98
C TYR A 100 -3.38 -9.35 8.54
N ASN A 101 -4.64 -9.07 8.23
CA ASN A 101 -5.55 -10.08 7.72
C ASN A 101 -6.25 -9.57 6.47
N ARG A 102 -6.05 -10.26 5.35
CA ARG A 102 -6.71 -9.86 4.10
C ARG A 102 -8.07 -9.55 4.73
N LEU A 103 -8.56 -8.37 4.39
CA LEU A 103 -9.92 -7.91 4.61
C LEU A 103 -11.02 -8.94 4.37
N THR A 104 -11.88 -9.10 5.37
CA THR A 104 -12.98 -10.06 5.30
C THR A 104 -14.03 -9.71 6.34
N PHE A 105 -15.30 -9.96 6.02
CA PHE A 105 -16.35 -9.76 7.00
C PHE A 105 -16.08 -10.70 8.15
N PHE A 106 -16.39 -10.26 9.36
CA PHE A 106 -16.20 -11.11 10.52
C PHE A 106 -17.31 -12.17 10.57
N HIS A 107 -16.91 -13.41 10.84
CA HIS A 107 -17.85 -14.51 10.94
C HIS A 107 -17.38 -15.59 11.91
N GLY A 108 -16.88 -15.17 13.06
CA GLY A 108 -16.68 -16.09 14.17
C GLY A 108 -15.25 -16.48 14.46
N GLU A 109 -14.31 -15.92 13.70
CA GLU A 109 -12.89 -16.22 13.87
C GLU A 109 -12.32 -15.67 15.18
N ILE A 110 -12.73 -16.27 16.29
CA ILE A 110 -12.24 -15.91 17.61
C ILE A 110 -10.72 -16.04 17.73
N ASP A 111 -10.16 -17.05 17.07
CA ASP A 111 -8.73 -17.29 17.16
C ASP A 111 -7.96 -16.17 16.48
N ASN A 112 -8.53 -15.62 15.43
CA ASN A 112 -7.94 -14.45 14.80
C ASN A 112 -7.95 -13.24 15.73
N VAL A 113 -9.05 -13.05 16.44
CA VAL A 113 -9.17 -11.94 17.41
C VAL A 113 -8.14 -12.08 18.53
N ARG A 114 -7.92 -13.31 18.99
CA ARG A 114 -6.98 -13.56 20.06
C ARG A 114 -5.56 -13.32 19.59
N LYS A 115 -5.23 -13.85 18.42
CA LYS A 115 -3.86 -13.75 17.92
C LYS A 115 -3.49 -12.32 17.56
N SER A 116 -4.46 -11.57 17.03
CA SER A 116 -4.25 -10.17 16.70
C SER A 116 -4.02 -9.36 17.97
N MET A 117 -4.76 -9.67 19.03
CA MET A 117 -4.61 -8.94 20.28
C MET A 117 -3.26 -9.24 20.92
N GLU A 118 -2.79 -10.48 20.76
CA GLU A 118 -1.49 -10.91 21.30
C GLU A 118 -0.36 -10.17 20.58
N VAL A 119 -0.40 -10.20 19.25
CA VAL A 119 0.70 -9.69 18.45
C VAL A 119 0.70 -8.16 18.34
N ASN A 120 -0.47 -7.58 18.09
CA ASN A 120 -0.56 -6.15 17.89
C ASN A 120 -0.63 -5.36 19.19
N PHE A 121 -1.07 -6.01 20.26
CA PHE A 121 -1.28 -5.29 21.51
C PHE A 121 -0.45 -5.76 22.69
N HIS A 122 -0.67 -6.98 23.14
CA HIS A 122 0.00 -7.46 24.34
C HIS A 122 1.51 -7.39 24.28
N SER A 123 2.07 -7.69 23.11
CA SER A 123 3.53 -7.64 22.93
C SER A 123 4.04 -6.19 23.01
N PHE A 124 3.25 -5.24 22.53
CA PHE A 124 3.63 -3.83 22.62
C PHE A 124 3.79 -3.50 24.10
N VAL A 125 2.85 -3.96 24.91
CA VAL A 125 2.90 -3.71 26.35
C VAL A 125 4.09 -4.38 27.03
N VAL A 126 4.31 -5.66 26.71
CA VAL A 126 5.42 -6.41 27.29
C VAL A 126 6.76 -5.75 26.96
N LEU A 127 6.94 -5.39 25.68
CA LEU A 127 8.16 -4.73 25.23
C LEU A 127 8.37 -3.41 25.96
N SER A 128 7.30 -2.64 26.10
CA SER A 128 7.42 -1.35 26.77
C SER A 128 7.83 -1.53 28.23
N VAL A 129 7.20 -2.48 28.92
CA VAL A 129 7.53 -2.75 30.31
C VAL A 129 8.99 -3.15 30.46
N ALA A 130 9.46 -4.03 29.58
CA ALA A 130 10.85 -4.50 29.62
C ALA A 130 11.83 -3.37 29.34
N ALA A 131 11.42 -2.40 28.52
CA ALA A 131 12.32 -1.32 28.11
C ALA A 131 12.30 -0.11 29.04
N MET A 132 11.30 -0.06 29.92
CA MET A 132 11.05 1.15 30.71
C MET A 132 12.24 1.59 31.58
N PRO A 133 12.88 0.64 32.29
CA PRO A 133 14.04 1.08 33.07
C PRO A 133 15.07 1.82 32.21
N MET A 134 15.51 1.20 31.12
CA MET A 134 16.46 1.86 30.22
C MET A 134 15.94 3.19 29.69
N LEU A 135 14.67 3.25 29.32
CA LEU A 135 14.09 4.49 28.80
C LEU A 135 14.03 5.59 29.85
N MET A 136 13.77 5.22 31.10
CA MET A 136 13.70 6.23 32.16
C MET A 136 15.09 6.82 32.39
N GLN A 137 16.10 5.95 32.39
CA GLN A 137 17.48 6.37 32.58
C GLN A 137 17.92 7.35 31.50
N SER A 138 17.52 7.08 30.26
CA SER A 138 17.91 7.92 29.13
C SER A 138 16.88 9.01 28.85
N GLN A 139 15.82 9.04 29.63
CA GLN A 139 14.69 9.91 29.35
C GLN A 139 14.30 9.80 27.87
N GLY A 140 14.17 8.56 27.41
CA GLY A 140 13.94 8.29 26.00
C GLY A 140 12.48 8.35 25.58
N SER A 141 12.17 7.67 24.48
CA SER A 141 10.85 7.81 23.84
C SER A 141 10.33 6.47 23.34
N ILE A 142 9.01 6.39 23.19
CA ILE A 142 8.37 5.22 22.57
C ILE A 142 7.48 5.65 21.41
N ALA A 143 7.67 5.02 20.26
CA ALA A 143 6.75 5.21 19.15
C ALA A 143 5.82 4.02 19.10
N VAL A 144 4.52 4.31 19.21
CA VAL A 144 3.51 3.27 19.09
C VAL A 144 2.84 3.42 17.73
N VAL A 145 3.14 2.51 16.81
CA VAL A 145 2.63 2.64 15.45
C VAL A 145 1.22 2.07 15.35
N SER A 146 0.28 2.93 14.97
CA SER A 146 -1.11 2.57 14.89
C SER A 146 -1.68 3.01 13.55
N SER A 147 -2.98 3.25 13.49
CA SER A 147 -3.67 3.31 12.22
C SER A 147 -4.93 4.18 12.31
N VAL A 148 -5.39 4.68 11.17
CA VAL A 148 -6.65 5.39 11.12
C VAL A 148 -7.75 4.48 11.65
N ALA A 149 -7.56 3.17 11.47
CA ALA A 149 -8.50 2.18 12.00
C ALA A 149 -8.31 1.97 13.51
N GLY A 150 -7.42 2.77 14.11
CA GLY A 150 -7.25 2.78 15.55
C GLY A 150 -7.92 4.01 16.14
N LYS A 151 -8.63 4.76 15.29
CA LYS A 151 -9.28 5.99 15.71
C LYS A 151 -10.74 6.00 15.25
N ILE A 152 -11.02 5.30 14.16
CA ILE A 152 -12.38 5.14 13.68
C ILE A 152 -12.51 3.73 13.17
N THR A 153 -13.71 3.30 12.83
CA THR A 153 -13.91 1.93 12.40
C THR A 153 -14.22 1.76 10.92
N TYR A 154 -13.68 0.68 10.36
CA TYR A 154 -13.84 0.32 8.95
C TYR A 154 -14.37 -1.10 8.88
N PRO A 155 -15.39 -1.31 8.04
CA PRO A 155 -15.78 -2.66 7.65
C PRO A 155 -14.51 -3.50 7.54
N LEU A 156 -14.65 -4.82 7.69
CA LEU A 156 -13.66 -5.75 7.17
C LEU A 156 -12.38 -6.04 7.96
N ILE A 157 -12.19 -5.30 9.05
CA ILE A 157 -10.99 -5.46 9.87
C ILE A 157 -11.24 -5.35 11.37
N ALA A 158 -12.30 -5.99 11.85
CA ALA A 158 -12.65 -5.94 13.27
C ALA A 158 -11.52 -6.36 14.23
N PRO A 159 -10.87 -7.51 13.97
CA PRO A 159 -9.80 -7.98 14.87
C PRO A 159 -8.64 -6.99 14.95
N TYR A 160 -8.27 -6.43 13.82
CA TYR A 160 -7.17 -5.47 13.72
C TYR A 160 -7.53 -4.18 14.46
N SER A 161 -8.72 -3.68 14.19
CA SER A 161 -9.19 -2.43 14.77
C SER A 161 -9.30 -2.51 16.29
N ALA A 162 -9.82 -3.62 16.80
CA ALA A 162 -9.89 -3.84 18.25
C ALA A 162 -8.52 -3.66 18.93
N SER A 163 -7.51 -4.31 18.35
CA SER A 163 -6.17 -4.27 18.89
C SER A 163 -5.52 -2.88 18.80
N LYS A 164 -5.81 -2.14 17.73
CA LYS A 164 -5.28 -0.79 17.57
C LYS A 164 -5.98 0.24 18.49
N PHE A 165 -7.30 0.11 18.65
CA PHE A 165 -8.04 0.88 19.66
C PHE A 165 -7.47 0.59 21.06
N ALA A 166 -7.21 -0.68 21.32
CA ALA A 166 -6.66 -1.07 22.62
C ALA A 166 -5.36 -0.31 22.91
N LEU A 167 -4.51 -0.18 21.89
CA LEU A 167 -3.24 0.52 22.03
C LEU A 167 -3.46 1.96 22.44
N ASP A 168 -4.46 2.61 21.86
CA ASP A 168 -4.77 4.00 22.16
C ASP A 168 -5.19 4.11 23.63
N GLY A 169 -6.15 3.29 24.02
CA GLY A 169 -6.58 3.25 25.41
C GLY A 169 -5.42 3.11 26.39
N PHE A 170 -4.57 2.13 26.15
CA PHE A 170 -3.49 1.84 27.10
C PHE A 170 -2.42 2.93 27.12
N PHE A 171 -1.80 3.15 25.96
CA PHE A 171 -0.65 4.06 25.92
C PHE A 171 -1.01 5.54 26.18
N SER A 172 -2.24 5.92 25.87
CA SER A 172 -2.70 7.28 26.16
C SER A 172 -2.89 7.46 27.66
N THR A 173 -3.35 6.40 28.32
CA THR A 173 -3.50 6.45 29.77
C THR A 173 -2.13 6.52 30.42
N LEU A 174 -1.20 5.72 29.92
CA LEU A 174 0.15 5.69 30.45
C LEU A 174 0.84 7.04 30.31
N ARG A 175 0.66 7.68 29.16
CA ARG A 175 1.25 9.01 28.93
C ARG A 175 0.73 10.01 29.97
N SER A 176 -0.59 10.01 30.20
CA SER A 176 -1.19 10.88 31.20
C SER A 176 -0.61 10.65 32.59
N GLU A 177 -0.32 9.39 32.91
CA GLU A 177 0.28 9.08 34.20
C GLU A 177 1.73 9.58 34.28
N PHE A 178 2.49 9.34 33.21
CA PHE A 178 3.86 9.81 33.11
C PHE A 178 3.93 11.32 33.29
N LEU A 179 2.91 12.02 32.79
CA LEU A 179 2.88 13.48 32.93
C LEU A 179 2.60 13.86 34.36
N VAL A 180 1.58 13.24 34.95
CA VAL A 180 1.22 13.51 36.33
C VAL A 180 2.38 13.21 37.29
N ASN A 181 3.16 12.18 36.97
CA ASN A 181 4.29 11.79 37.82
C ASN A 181 5.62 12.37 37.36
N LYS A 182 5.58 13.21 36.33
CA LYS A 182 6.77 13.84 35.79
C LYS A 182 7.87 12.84 35.43
N VAL A 183 7.44 11.67 34.95
CA VAL A 183 8.34 10.73 34.30
C VAL A 183 8.61 11.24 32.90
N ASN A 184 9.89 11.42 32.56
CA ASN A 184 10.24 12.01 31.27
C ASN A 184 10.54 10.99 30.17
N VAL A 185 9.61 10.09 29.96
CA VAL A 185 9.63 9.20 28.80
C VAL A 185 8.46 9.60 27.93
N SER A 186 8.73 10.02 26.69
CA SER A 186 7.66 10.42 25.80
C SER A 186 7.00 9.22 25.09
N ILE A 187 5.70 9.33 24.86
CA ILE A 187 4.95 8.29 24.17
C ILE A 187 4.22 8.89 22.98
N THR A 188 4.64 8.49 21.78
CA THR A 188 4.09 9.04 20.55
C THR A 188 3.21 8.02 19.83
N LEU A 189 1.92 8.31 19.72
CA LEU A 189 1.02 7.45 18.97
C LEU A 189 0.95 7.89 17.52
N CYS A 190 1.37 7.02 16.61
CA CYS A 190 1.41 7.34 15.19
C CYS A 190 0.18 6.80 14.49
N ILE A 191 -0.57 7.69 13.85
CA ILE A 191 -1.80 7.31 13.16
C ILE A 191 -1.58 7.33 11.64
N LEU A 192 -1.57 6.16 11.03
CA LEU A 192 -1.23 6.09 9.62
C LEU A 192 -2.44 5.82 8.72
N GLY A 193 -2.44 6.48 7.57
CA GLY A 193 -3.44 6.18 6.56
C GLY A 193 -2.91 5.02 5.75
N LEU A 194 -3.52 4.77 4.60
CA LEU A 194 -3.00 3.75 3.70
C LEU A 194 -1.60 4.11 3.23
N ILE A 195 -0.65 3.22 3.52
CA ILE A 195 0.74 3.38 3.12
C ILE A 195 1.07 2.30 2.08
N ASP A 196 1.86 2.65 1.08
CA ASP A 196 2.13 1.76 -0.03
C ASP A 196 3.17 0.66 0.24
N THR A 197 2.96 -0.10 1.32
CA THR A 197 3.78 -1.28 1.54
C THR A 197 3.20 -2.43 0.72
N GLU A 198 4.03 -3.40 0.36
CA GLU A 198 3.55 -4.49 -0.48
C GLU A 198 2.37 -5.18 0.18
N THR A 199 2.46 -5.35 1.50
CA THR A 199 1.43 -6.03 2.26
C THR A 199 0.08 -5.29 2.27
N ALA A 200 0.12 -3.99 2.51
CA ALA A 200 -1.12 -3.20 2.51
C ALA A 200 -1.76 -3.10 1.13
N ILE A 201 -0.93 -3.03 0.09
CA ILE A 201 -1.43 -2.92 -1.29
C ILE A 201 -2.12 -4.20 -1.74
N LYS A 202 -1.54 -5.34 -1.40
CA LYS A 202 -2.13 -6.63 -1.74
C LYS A 202 -3.44 -6.84 -0.99
N ALA A 203 -3.45 -6.51 0.30
CA ALA A 203 -4.64 -6.71 1.12
C ALA A 203 -5.87 -5.89 0.71
N THR A 204 -5.66 -4.71 0.14
CA THR A 204 -6.79 -3.84 -0.20
C THR A 204 -7.01 -3.74 -1.71
N SER A 205 -6.07 -4.30 -2.46
CA SER A 205 -6.17 -4.26 -3.91
C SER A 205 -7.57 -4.69 -4.32
N GLY A 206 -8.15 -3.99 -5.30
CA GLY A 206 -9.45 -4.37 -5.81
C GLY A 206 -10.61 -4.03 -4.86
N ILE A 207 -10.29 -3.78 -3.60
CA ILE A 207 -11.30 -3.44 -2.61
C ILE A 207 -11.33 -1.94 -2.34
N TYR A 208 -10.15 -1.37 -2.18
CA TYR A 208 -10.00 0.07 -2.06
C TYR A 208 -9.13 0.56 -3.21
N LEU A 209 -9.59 1.59 -3.90
CA LEU A 209 -8.85 2.13 -5.04
C LEU A 209 -8.30 3.54 -4.79
N GLY A 210 -8.29 3.96 -3.53
CA GLY A 210 -7.82 5.29 -3.19
C GLY A 210 -6.31 5.39 -3.14
N PRO A 211 -5.78 6.61 -3.03
CA PRO A 211 -4.34 6.82 -2.96
C PRO A 211 -3.75 6.37 -1.63
N ALA A 212 -2.66 5.62 -1.75
CA ALA A 212 -1.79 5.25 -0.65
C ALA A 212 -0.69 6.32 -0.55
N SER A 213 -0.13 6.50 0.63
CA SER A 213 1.01 7.41 0.81
C SER A 213 2.33 6.64 0.77
N PRO A 214 3.43 7.30 0.39
CA PRO A 214 4.73 6.64 0.25
C PRO A 214 5.28 6.18 1.61
N LYS A 215 5.89 5.00 1.63
CA LYS A 215 6.40 4.43 2.87
C LYS A 215 7.66 5.11 3.37
N GLU A 216 8.49 5.60 2.45
CA GLU A 216 9.74 6.24 2.83
C GLU A 216 9.49 7.50 3.66
N GLU A 217 8.58 8.35 3.20
CA GLU A 217 8.23 9.57 3.92
C GLU A 217 7.47 9.25 5.21
N CYS A 218 6.65 8.21 5.17
CA CYS A 218 5.91 7.76 6.35
C CYS A 218 6.87 7.42 7.48
N ALA A 219 7.88 6.62 7.16
CA ALA A 219 8.90 6.19 8.13
C ALA A 219 9.65 7.39 8.72
N LEU A 220 9.99 8.36 7.88
CA LEU A 220 10.69 9.56 8.32
C LEU A 220 9.81 10.39 9.26
N GLU A 221 8.54 10.53 8.91
CA GLU A 221 7.60 11.28 9.75
C GLU A 221 7.40 10.64 11.12
N ILE A 222 7.43 9.31 11.17
CA ILE A 222 7.35 8.60 12.45
C ILE A 222 8.58 8.93 13.31
N ILE A 223 9.75 8.95 12.68
CA ILE A 223 10.98 9.21 13.39
C ILE A 223 10.99 10.64 13.93
N LYS A 224 10.58 11.58 13.09
CA LYS A 224 10.51 12.99 13.48
C LYS A 224 9.56 13.24 14.64
N GLY A 225 8.34 12.76 14.51
CA GLY A 225 7.32 12.96 15.52
C GLY A 225 7.69 12.40 16.86
N THR A 226 8.40 11.27 16.84
CA THR A 226 8.87 10.64 18.07
C THR A 226 10.06 11.41 18.66
N ALA A 227 10.97 11.85 17.79
CA ALA A 227 12.16 12.58 18.23
C ALA A 227 11.73 13.88 18.89
N LEU A 228 10.74 14.54 18.31
CA LEU A 228 10.20 15.78 18.84
C LEU A 228 9.23 15.52 19.99
N ARG A 229 9.11 14.26 20.41
CA ARG A 229 8.33 13.91 21.59
C ARG A 229 6.87 14.35 21.53
N GLN A 230 6.28 14.30 20.34
CA GLN A 230 4.86 14.61 20.16
C GLN A 230 3.98 13.53 20.77
N ASP A 231 2.83 13.93 21.27
CA ASP A 231 1.83 12.97 21.75
C ASP A 231 1.31 12.09 20.63
N GLU A 232 0.97 12.70 19.51
CA GLU A 232 0.43 11.98 18.35
C GLU A 232 1.03 12.49 17.06
N MET A 233 1.13 11.61 16.07
CA MET A 233 1.69 11.96 14.78
C MET A 233 0.77 11.39 13.69
N TYR A 234 0.16 12.28 12.92
CA TYR A 234 -0.77 11.86 11.88
C TYR A 234 -0.11 11.90 10.51
N TYR A 235 -0.14 10.77 9.81
CA TYR A 235 0.31 10.73 8.43
C TYR A 235 -0.72 9.96 7.61
N VAL A 236 -1.70 10.69 7.08
CA VAL A 236 -2.90 10.07 6.55
C VAL A 236 -3.24 10.48 5.11
N GLY A 237 -2.37 11.29 4.49
CA GLY A 237 -2.55 11.66 3.11
C GLY A 237 -3.47 12.84 2.90
N SER A 238 -3.74 13.58 3.96
CA SER A 238 -4.53 14.80 3.88
C SER A 238 -4.15 15.69 5.03
N ARG A 239 -4.10 17.00 4.79
CA ARG A 239 -3.72 17.94 5.84
C ARG A 239 -4.91 18.24 6.73
N TRP A 240 -6.10 17.86 6.27
CA TRP A 240 -7.34 18.19 6.98
C TRP A 240 -7.86 17.04 7.83
N VAL A 241 -7.76 15.83 7.29
CA VAL A 241 -8.29 14.62 7.95
C VAL A 241 -7.86 14.43 9.40
N PRO A 242 -6.61 14.78 9.74
CA PRO A 242 -6.16 14.61 11.13
C PRO A 242 -7.06 15.28 12.16
N TYR A 243 -7.73 16.35 11.78
CA TYR A 243 -8.55 17.07 12.74
C TYR A 243 -9.92 16.43 12.90
N LEU A 244 -10.34 15.64 11.91
CA LEU A 244 -11.56 14.86 12.03
C LEU A 244 -11.31 13.56 12.78
N LEU A 245 -10.04 13.19 12.91
CA LEU A 245 -9.63 11.99 13.65
C LEU A 245 -9.20 12.34 15.07
N GLY A 246 -8.69 13.55 15.26
CA GLY A 246 -8.03 13.92 16.49
C GLY A 246 -8.96 14.28 17.65
N ASN A 247 -10.26 14.34 17.38
CA ASN A 247 -11.23 14.39 18.46
C ASN A 247 -10.99 15.51 19.50
N PRO A 248 -11.25 16.76 19.12
CA PRO A 248 -11.12 17.89 20.05
C PRO A 248 -11.88 17.67 21.36
N GLY A 249 -13.04 17.03 21.28
CA GLY A 249 -13.87 16.80 22.44
C GLY A 249 -13.15 15.99 23.51
N ARG A 250 -12.44 14.96 23.08
CA ARG A 250 -11.75 14.07 23.98
C ARG A 250 -10.61 14.80 24.68
N LYS A 251 -9.86 15.59 23.93
CA LYS A 251 -8.73 16.34 24.48
C LYS A 251 -9.21 17.33 25.55
N ILE A 252 -10.32 18.02 25.27
CA ILE A 252 -10.93 18.92 26.23
C ILE A 252 -11.33 18.17 27.50
N MET A 253 -12.06 17.07 27.31
CA MET A 253 -12.53 16.25 28.44
C MET A 253 -11.38 15.77 29.31
N GLU A 254 -10.31 15.29 28.69
CA GLU A 254 -9.19 14.76 29.45
C GLU A 254 -8.51 15.87 30.24
N GLU A 255 -8.41 17.04 29.64
CA GLU A 255 -7.80 18.20 30.30
C GLU A 255 -8.63 18.62 31.51
N LEU A 256 -9.95 18.63 31.35
CA LEU A 256 -10.85 19.07 32.41
C LEU A 256 -11.01 18.05 33.54
N SER A 257 -11.05 16.76 33.20
CA SER A 257 -11.28 15.71 34.19
C SER A 257 -10.07 15.50 35.10
N ALA A 258 -8.93 16.06 34.72
CA ALA A 258 -7.73 15.97 35.54
C ALA A 258 -7.93 16.76 36.84
N ALA A 259 -8.86 17.71 36.82
CA ALA A 259 -9.15 18.55 37.97
C ALA A 259 -10.10 17.85 38.93
N GLU A 260 -10.60 16.69 38.54
CA GLU A 260 -11.53 15.94 39.36
C GLU A 260 -10.82 15.00 40.33
N TYR A 261 -9.49 14.95 40.23
CA TYR A 261 -8.71 14.01 41.03
C TYR A 261 -8.21 14.62 42.32
N ASN A 262 -8.27 13.83 43.39
CA ASN A 262 -7.70 14.25 44.66
C ASN A 262 -6.21 13.93 44.68
N TRP A 263 -5.39 14.81 44.12
CA TRP A 263 -3.98 14.50 43.99
C TRP A 263 -3.26 14.37 45.32
N ASP A 264 -3.93 14.72 46.40
CA ASP A 264 -3.41 14.50 47.74
C ASP A 264 -3.30 13.00 48.01
N ASN A 265 -4.46 12.38 48.21
CA ASN A 265 -4.54 10.97 48.55
C ASN A 265 -3.94 10.04 47.49
N VAL A 266 -3.51 10.61 46.38
CA VAL A 266 -3.04 9.80 45.26
C VAL A 266 -1.53 9.89 45.09
N LEU A 267 -1.08 11.06 44.67
CA LEU A 267 0.31 11.31 44.31
C LEU A 267 1.23 11.02 45.48
N SER A 268 0.65 11.04 46.69
CA SER A 268 1.40 10.81 47.91
C SER A 268 1.77 9.34 48.08
N ASN A 269 1.10 8.46 47.33
CA ASN A 269 1.22 7.03 47.57
C ASN A 269 2.04 5.97 46.85
N GLU A 270 1.61 5.63 45.64
CA GLU A 270 2.27 4.54 44.94
C GLU A 270 2.95 4.87 43.63
N ARG A 275 7.48 -0.08 41.26
CA ARG A 275 8.14 0.10 39.98
C ARG A 275 8.34 -1.19 39.17
N TRP A 276 9.18 -1.10 38.16
CA TRP A 276 9.28 -2.11 37.11
C TRP A 276 10.45 -3.06 37.33
N GLU B 2 -39.51 7.01 18.34
CA GLU B 2 -39.93 5.65 18.65
C GLU B 2 -39.88 5.40 20.15
N LYS B 3 -40.96 5.71 20.86
CA LYS B 3 -40.92 5.67 22.32
C LYS B 3 -40.86 4.25 22.87
N PHE B 4 -40.07 4.08 23.93
CA PHE B 4 -39.95 2.78 24.60
C PHE B 4 -41.21 2.43 25.38
N ARG B 5 -41.55 1.15 25.39
CA ARG B 5 -42.62 0.63 26.25
C ARG B 5 -42.18 -0.70 26.85
N PRO B 6 -42.41 -0.88 28.17
CA PRO B 6 -41.99 -2.09 28.89
C PRO B 6 -42.48 -3.37 28.21
N GLU B 7 -43.49 -3.26 27.37
CA GLU B 7 -44.06 -4.42 26.68
C GLU B 7 -43.12 -4.96 25.60
N MET B 8 -42.17 -4.12 25.18
CA MET B 8 -41.18 -4.53 24.20
C MET B 8 -40.35 -5.71 24.71
N LEU B 9 -40.43 -5.97 26.01
CA LEU B 9 -39.59 -6.99 26.63
C LEU B 9 -40.37 -8.15 27.24
N GLN B 10 -41.70 -8.03 27.25
CA GLN B 10 -42.53 -9.12 27.77
C GLN B 10 -42.38 -10.34 26.89
N GLY B 11 -42.02 -11.47 27.49
CA GLY B 11 -41.81 -12.70 26.76
C GLY B 11 -40.46 -12.83 26.07
N LYS B 12 -39.68 -11.76 26.06
CA LYS B 12 -38.37 -11.79 25.41
C LYS B 12 -37.40 -12.68 26.18
N LYS B 13 -36.43 -13.24 25.46
CA LYS B 13 -35.45 -14.14 26.05
C LYS B 13 -34.10 -13.44 26.17
N VAL B 14 -33.72 -13.09 27.39
CA VAL B 14 -32.56 -12.23 27.63
C VAL B 14 -31.51 -12.88 28.50
N ILE B 15 -30.25 -12.66 28.14
CA ILE B 15 -29.13 -13.09 28.97
C ILE B 15 -28.50 -11.86 29.60
N VAL B 16 -28.27 -11.91 30.90
CA VAL B 16 -27.53 -10.85 31.57
C VAL B 16 -26.30 -11.43 32.25
N THR B 17 -25.12 -11.01 31.81
CA THR B 17 -23.90 -11.43 32.46
C THR B 17 -23.51 -10.42 33.55
N GLY B 18 -22.67 -10.84 34.48
CA GLY B 18 -22.28 -10.02 35.61
C GLY B 18 -23.49 -9.53 36.40
N ALA B 19 -24.42 -10.43 36.65
CA ALA B 19 -25.70 -10.04 37.24
C ALA B 19 -25.91 -10.40 38.72
N SER B 20 -24.82 -10.66 39.44
CA SER B 20 -24.95 -11.00 40.86
C SER B 20 -24.96 -9.76 41.76
N LYS B 21 -24.56 -8.62 41.20
CA LYS B 21 -24.60 -7.35 41.93
C LYS B 21 -24.50 -6.15 41.01
N GLY B 22 -24.50 -4.96 41.58
CA GLY B 22 -24.35 -3.73 40.81
C GLY B 22 -25.37 -3.58 39.69
N ILE B 23 -24.94 -2.93 38.60
CA ILE B 23 -25.81 -2.62 37.48
C ILE B 23 -26.51 -3.86 36.92
N GLY B 24 -25.75 -4.94 36.74
CA GLY B 24 -26.28 -6.16 36.16
C GLY B 24 -27.44 -6.74 36.95
N ARG B 25 -27.32 -6.76 38.26
CA ARG B 25 -28.40 -7.21 39.10
C ARG B 25 -29.66 -6.38 38.86
N GLU B 26 -29.49 -5.06 38.80
CA GLU B 26 -30.61 -4.15 38.57
C GLU B 26 -31.21 -4.34 37.19
N ILE B 27 -30.38 -4.70 36.22
CA ILE B 27 -30.86 -4.98 34.87
C ILE B 27 -31.77 -6.20 34.90
N ALA B 28 -31.36 -7.23 35.63
CA ALA B 28 -32.19 -8.42 35.83
C ALA B 28 -33.53 -8.04 36.45
N TYR B 29 -33.49 -7.21 37.49
CA TYR B 29 -34.72 -6.84 38.18
C TYR B 29 -35.72 -6.12 37.28
N HIS B 30 -35.23 -5.15 36.52
CA HIS B 30 -36.07 -4.44 35.55
C HIS B 30 -36.70 -5.39 34.55
N LEU B 31 -35.88 -6.28 33.99
CA LEU B 31 -36.36 -7.26 33.02
C LEU B 31 -37.45 -8.14 33.62
N ALA B 32 -37.29 -8.51 34.88
CA ALA B 32 -38.30 -9.32 35.57
C ALA B 32 -39.61 -8.56 35.69
N LYS B 33 -39.53 -7.30 36.10
CA LYS B 33 -40.71 -6.44 36.19
C LYS B 33 -41.43 -6.33 34.84
N MET B 34 -40.69 -6.50 33.75
CA MET B 34 -41.28 -6.39 32.42
C MET B 34 -41.78 -7.74 31.90
N GLY B 35 -41.65 -8.78 32.71
CA GLY B 35 -42.12 -10.10 32.34
C GLY B 35 -41.30 -10.78 31.25
N ALA B 36 -39.99 -10.57 31.27
CA ALA B 36 -39.11 -11.23 30.32
C ALA B 36 -38.62 -12.56 30.89
N HIS B 37 -38.13 -13.44 30.03
CA HIS B 37 -37.37 -14.61 30.47
C HIS B 37 -35.93 -14.17 30.66
N VAL B 38 -35.31 -14.53 31.77
CA VAL B 38 -33.91 -14.17 31.98
C VAL B 38 -33.03 -15.34 32.39
N VAL B 39 -31.80 -15.35 31.87
CA VAL B 39 -30.76 -16.21 32.39
C VAL B 39 -29.62 -15.33 32.88
N VAL B 40 -29.39 -15.33 34.18
CA VAL B 40 -28.34 -14.51 34.76
C VAL B 40 -27.07 -15.31 34.97
N THR B 41 -25.91 -14.66 34.87
CA THR B 41 -24.66 -15.35 35.11
C THR B 41 -23.63 -14.47 35.82
N ALA B 42 -22.73 -15.15 36.52
CA ALA B 42 -21.65 -14.52 37.28
C ALA B 42 -20.96 -15.69 37.95
N ARG B 43 -19.95 -15.41 38.78
CA ARG B 43 -19.23 -16.49 39.45
C ARG B 43 -19.91 -16.99 40.72
N SER B 44 -20.57 -16.10 41.45
CA SER B 44 -21.12 -16.46 42.76
C SER B 44 -22.49 -17.14 42.66
N LYS B 45 -22.53 -18.42 43.06
CA LYS B 45 -23.76 -19.21 43.01
C LYS B 45 -24.83 -18.59 43.92
N GLU B 46 -24.50 -18.44 45.20
CA GLU B 46 -25.46 -17.95 46.19
C GLU B 46 -26.05 -16.59 45.81
N ALA B 47 -25.20 -15.67 45.36
CA ALA B 47 -25.67 -14.36 44.92
C ALA B 47 -26.62 -14.46 43.73
N LEU B 48 -26.28 -15.33 42.78
CA LEU B 48 -27.12 -15.54 41.60
C LEU B 48 -28.47 -16.13 42.00
N GLN B 49 -28.43 -17.08 42.93
CA GLN B 49 -29.65 -17.71 43.44
C GLN B 49 -30.60 -16.68 44.03
N LYS B 50 -30.07 -15.76 44.82
CA LYS B 50 -30.89 -14.71 45.41
C LYS B 50 -31.53 -13.85 44.32
N VAL B 51 -30.75 -13.49 43.32
CA VAL B 51 -31.23 -12.70 42.19
C VAL B 51 -32.36 -13.41 41.42
N VAL B 52 -32.19 -14.70 41.17
CA VAL B 52 -33.22 -15.46 40.48
C VAL B 52 -34.53 -15.47 41.28
N ALA B 53 -34.42 -15.67 42.58
CA ALA B 53 -35.60 -15.70 43.44
C ALA B 53 -36.33 -14.36 43.39
N ARG B 54 -35.58 -13.27 43.49
CA ARG B 54 -36.17 -11.92 43.45
C ARG B 54 -36.84 -11.68 42.10
N CYS B 55 -36.18 -12.08 41.02
CA CYS B 55 -36.73 -11.91 39.68
C CYS B 55 -38.09 -12.59 39.52
N LEU B 56 -38.21 -13.80 40.07
CA LEU B 56 -39.46 -14.54 40.00
C LEU B 56 -40.55 -13.84 40.78
N GLU B 57 -40.20 -13.40 41.99
CA GLU B 57 -41.07 -12.61 42.84
C GLU B 57 -41.48 -11.31 42.15
N LEU B 58 -40.62 -10.80 41.26
CA LEU B 58 -40.86 -9.52 40.58
C LEU B 58 -41.75 -9.65 39.34
N GLY B 59 -41.89 -10.85 38.82
CA GLY B 59 -42.79 -11.09 37.71
C GLY B 59 -42.11 -11.57 36.45
N ALA B 60 -40.89 -12.08 36.56
CA ALA B 60 -40.21 -12.66 35.41
C ALA B 60 -41.05 -13.80 34.85
N ALA B 61 -41.02 -13.97 33.52
CA ALA B 61 -41.70 -15.08 32.90
C ALA B 61 -41.00 -16.39 33.29
N SER B 62 -39.67 -16.33 33.33
CA SER B 62 -38.87 -17.41 33.87
C SER B 62 -37.51 -16.86 34.24
N ALA B 63 -36.80 -17.56 35.11
CA ALA B 63 -35.49 -17.09 35.56
C ALA B 63 -34.61 -18.25 35.97
N HIS B 64 -33.41 -18.31 35.39
CA HIS B 64 -32.43 -19.32 35.75
C HIS B 64 -31.08 -18.66 35.92
N TYR B 65 -30.14 -19.38 36.51
CA TYR B 65 -28.78 -18.87 36.64
C TYR B 65 -27.79 -19.95 36.26
N ILE B 66 -26.66 -19.53 35.72
CA ILE B 66 -25.56 -20.45 35.47
C ILE B 66 -24.28 -19.79 36.00
N ALA B 67 -23.59 -20.49 36.89
CA ALA B 67 -22.43 -19.88 37.54
C ALA B 67 -21.12 -20.33 36.88
N GLY B 68 -20.22 -19.37 36.65
CA GLY B 68 -18.93 -19.66 36.08
C GLY B 68 -18.10 -18.41 35.82
N SER B 69 -16.82 -18.59 35.54
CA SER B 69 -15.94 -17.45 35.27
C SER B 69 -15.81 -17.15 33.78
N MET B 70 -15.88 -15.87 33.43
CA MET B 70 -15.74 -15.45 32.05
C MET B 70 -14.29 -15.38 31.60
N GLU B 71 -13.36 -15.71 32.50
CA GLU B 71 -11.96 -15.87 32.14
C GLU B 71 -11.77 -17.18 31.38
N ASP B 72 -12.74 -18.07 31.54
CA ASP B 72 -12.72 -19.38 30.89
C ASP B 72 -13.58 -19.32 29.63
N MET B 73 -12.93 -19.40 28.47
CA MET B 73 -13.62 -19.20 27.21
C MET B 73 -14.55 -20.37 26.89
N THR B 74 -14.17 -21.56 27.35
CA THR B 74 -14.99 -22.74 27.14
C THR B 74 -16.32 -22.55 27.87
N PHE B 75 -16.27 -22.02 29.09
CA PHE B 75 -17.49 -21.74 29.83
C PHE B 75 -18.38 -20.73 29.10
N ALA B 76 -17.78 -19.61 28.70
CA ALA B 76 -18.51 -18.57 27.97
C ALA B 76 -19.28 -19.16 26.80
N GLU B 77 -18.63 -20.03 26.05
CA GLU B 77 -19.23 -20.68 24.90
C GLU B 77 -20.35 -21.65 25.30
N GLU B 78 -20.04 -22.54 26.23
CA GLU B 78 -21.03 -23.49 26.73
C GLU B 78 -22.20 -22.82 27.46
N PHE B 79 -21.93 -21.68 28.09
CA PHE B 79 -22.98 -20.96 28.79
C PHE B 79 -24.09 -20.47 27.88
N VAL B 80 -23.73 -19.99 26.71
CA VAL B 80 -24.70 -19.43 25.78
C VAL B 80 -25.59 -20.53 25.22
N ALA B 81 -25.02 -21.68 24.97
CA ALA B 81 -25.81 -22.82 24.50
C ALA B 81 -26.82 -23.27 25.58
N GLU B 82 -26.32 -23.53 26.79
CA GLU B 82 -27.19 -23.95 27.89
C GLU B 82 -28.30 -22.92 28.13
N ALA B 83 -27.94 -21.65 28.05
CA ALA B 83 -28.91 -20.58 28.28
C ALA B 83 -29.99 -20.59 27.20
N GLY B 84 -29.58 -20.81 25.96
CA GLY B 84 -30.51 -20.86 24.84
C GLY B 84 -31.46 -22.03 24.98
N ASN B 85 -30.94 -23.14 25.47
CA ASN B 85 -31.76 -24.31 25.73
C ASN B 85 -32.79 -24.01 26.82
N LEU B 86 -32.35 -23.35 27.89
CA LEU B 86 -33.23 -23.03 29.01
C LEU B 86 -34.42 -22.19 28.57
N MET B 87 -34.19 -21.24 27.67
CA MET B 87 -35.25 -20.34 27.23
C MET B 87 -35.85 -20.73 25.88
N GLY B 88 -35.18 -21.64 25.16
CA GLY B 88 -35.64 -22.03 23.84
C GLY B 88 -35.34 -20.97 22.80
N GLY B 89 -34.28 -20.20 23.03
CA GLY B 89 -33.89 -19.14 22.11
C GLY B 89 -33.28 -17.94 22.83
N LEU B 90 -33.06 -16.87 22.08
CA LEU B 90 -32.40 -15.68 22.63
C LEU B 90 -32.74 -14.44 21.82
N ASP B 91 -33.30 -13.44 22.48
CA ASP B 91 -33.64 -12.18 21.84
C ASP B 91 -32.61 -11.09 22.13
N MET B 92 -32.06 -11.09 23.33
CA MET B 92 -31.19 -10.00 23.76
C MET B 92 -30.03 -10.54 24.59
N LEU B 93 -28.82 -10.14 24.23
CA LEU B 93 -27.62 -10.53 24.96
C LEU B 93 -27.02 -9.30 25.62
N ILE B 94 -27.11 -9.22 26.95
CA ILE B 94 -26.59 -8.08 27.68
C ILE B 94 -25.21 -8.37 28.30
N LEU B 95 -24.16 -7.87 27.66
CA LEU B 95 -22.79 -8.10 28.11
C LEU B 95 -22.39 -7.01 29.10
N ASN B 96 -22.31 -7.40 30.37
CA ASN B 96 -22.17 -6.45 31.46
C ASN B 96 -21.00 -6.72 32.40
N HIS B 97 -20.56 -7.97 32.51
CA HIS B 97 -19.53 -8.32 33.48
C HIS B 97 -18.22 -7.57 33.24
N VAL B 98 -17.41 -7.45 34.29
CA VAL B 98 -16.11 -6.79 34.17
C VAL B 98 -15.19 -7.24 35.31
N LEU B 99 -13.90 -7.36 35.03
CA LEU B 99 -12.92 -7.73 36.07
C LEU B 99 -12.77 -6.62 37.09
N TYR B 100 -12.75 -6.99 38.37
CA TYR B 100 -12.46 -6.04 39.46
C TYR B 100 -11.18 -5.28 39.12
N ASN B 101 -11.20 -3.97 39.26
CA ASN B 101 -10.00 -3.20 39.06
C ASN B 101 -9.77 -2.20 40.18
N ARG B 102 -8.52 -1.79 40.34
CA ARG B 102 -8.13 -0.94 41.44
C ARG B 102 -7.37 0.26 40.92
N LEU B 103 -7.84 1.46 41.26
CA LEU B 103 -7.18 2.67 40.79
C LEU B 103 -5.74 2.73 41.29
N THR B 104 -4.80 2.70 40.36
CA THR B 104 -3.38 2.69 40.69
C THR B 104 -2.58 3.07 39.46
N PHE B 105 -1.47 3.78 39.65
CA PHE B 105 -0.60 4.08 38.54
C PHE B 105 -0.07 2.77 37.96
N PHE B 106 0.10 2.72 36.65
CA PHE B 106 0.62 1.51 36.03
C PHE B 106 2.10 1.39 36.32
N HIS B 107 2.48 0.21 36.78
CA HIS B 107 3.87 -0.08 37.13
C HIS B 107 4.36 -1.42 36.60
N GLY B 108 3.87 -1.79 35.42
CA GLY B 108 4.33 -2.99 34.74
C GLY B 108 3.58 -4.25 35.17
N GLU B 109 2.29 -4.09 35.43
CA GLU B 109 1.44 -5.22 35.80
C GLU B 109 0.87 -5.92 34.57
N ILE B 110 1.76 -6.57 33.82
CA ILE B 110 1.36 -7.23 32.56
C ILE B 110 0.26 -8.26 32.73
N ASP B 111 0.30 -9.00 33.83
CA ASP B 111 -0.70 -10.02 34.09
C ASP B 111 -2.08 -9.40 34.29
N ASN B 112 -2.11 -8.22 34.90
CA ASN B 112 -3.36 -7.49 35.05
C ASN B 112 -3.90 -7.09 33.67
N VAL B 113 -3.01 -6.67 32.78
CA VAL B 113 -3.41 -6.25 31.44
C VAL B 113 -3.99 -7.45 30.69
N ARG B 114 -3.39 -8.61 30.88
CA ARG B 114 -3.81 -9.79 30.15
C ARG B 114 -5.16 -10.26 30.67
N LYS B 115 -5.29 -10.34 31.99
CA LYS B 115 -6.52 -10.80 32.60
C LYS B 115 -7.70 -9.86 32.32
N SER B 116 -7.43 -8.55 32.31
CA SER B 116 -8.47 -7.57 32.01
C SER B 116 -8.93 -7.74 30.57
N MET B 117 -7.99 -8.01 29.67
CA MET B 117 -8.35 -8.16 28.27
C MET B 117 -9.15 -9.44 28.05
N GLU B 118 -8.83 -10.48 28.82
CA GLU B 118 -9.55 -11.74 28.72
C GLU B 118 -10.99 -11.59 29.19
N VAL B 119 -11.15 -11.01 30.37
CA VAL B 119 -12.45 -10.95 31.01
C VAL B 119 -13.34 -9.84 30.42
N ASN B 120 -12.76 -8.68 30.19
CA ASN B 120 -13.56 -7.55 29.73
C ASN B 120 -13.80 -7.56 28.24
N PHE B 121 -12.89 -8.18 27.49
CA PHE B 121 -12.97 -8.12 26.03
C PHE B 121 -13.17 -9.46 25.33
N HIS B 122 -12.20 -10.36 25.46
CA HIS B 122 -12.26 -11.62 24.71
C HIS B 122 -13.53 -12.41 24.99
N SER B 123 -13.97 -12.41 26.24
CA SER B 123 -15.19 -13.14 26.58
C SER B 123 -16.42 -12.52 25.95
N PHE B 124 -16.44 -11.19 25.84
CA PHE B 124 -17.54 -10.50 25.16
C PHE B 124 -17.63 -11.00 23.74
N VAL B 125 -16.47 -11.18 23.11
CA VAL B 125 -16.44 -11.65 21.73
C VAL B 125 -16.87 -13.10 21.58
N VAL B 126 -16.39 -13.96 22.47
CA VAL B 126 -16.76 -15.37 22.46
C VAL B 126 -18.26 -15.54 22.68
N LEU B 127 -18.79 -14.82 23.66
CA LEU B 127 -20.22 -14.90 23.96
C LEU B 127 -21.04 -14.46 22.76
N SER B 128 -20.63 -13.38 22.12
CA SER B 128 -21.34 -12.86 20.96
C SER B 128 -21.33 -13.88 19.82
N VAL B 129 -20.18 -14.46 19.57
CA VAL B 129 -20.08 -15.47 18.52
C VAL B 129 -21.01 -16.65 18.79
N ALA B 130 -20.98 -17.15 20.03
CA ALA B 130 -21.82 -18.28 20.41
C ALA B 130 -23.32 -17.96 20.28
N ALA B 131 -23.69 -16.70 20.50
CA ALA B 131 -25.10 -16.30 20.52
C ALA B 131 -25.63 -15.85 19.16
N MET B 132 -24.72 -15.63 18.22
CA MET B 132 -25.09 -15.03 16.94
C MET B 132 -26.16 -15.81 16.16
N PRO B 133 -26.03 -17.14 16.04
CA PRO B 133 -27.08 -17.87 15.34
C PRO B 133 -28.46 -17.58 15.92
N MET B 134 -28.64 -17.78 17.23
CA MET B 134 -29.91 -17.47 17.87
C MET B 134 -30.37 -16.02 17.67
N LEU B 135 -29.43 -15.08 17.78
CA LEU B 135 -29.77 -13.67 17.58
C LEU B 135 -30.19 -13.35 16.16
N MET B 136 -29.58 -14.01 15.19
CA MET B 136 -29.94 -13.77 13.80
C MET B 136 -31.34 -14.29 13.52
N GLN B 137 -31.66 -15.44 14.08
CA GLN B 137 -32.97 -16.05 13.93
C GLN B 137 -34.07 -15.15 14.51
N SER B 138 -33.79 -14.55 15.66
CA SER B 138 -34.77 -13.71 16.34
C SER B 138 -34.61 -12.25 15.94
N GLN B 139 -33.64 -11.96 15.10
CA GLN B 139 -33.30 -10.57 14.78
C GLN B 139 -33.15 -9.76 16.07
N GLY B 140 -32.43 -10.33 17.02
CA GLY B 140 -32.30 -9.75 18.35
C GLY B 140 -31.23 -8.69 18.46
N SER B 141 -30.75 -8.47 19.68
CA SER B 141 -29.88 -7.34 19.99
C SER B 141 -28.77 -7.70 20.96
N ILE B 142 -27.69 -6.93 20.93
CA ILE B 142 -26.61 -7.07 21.89
C ILE B 142 -26.33 -5.75 22.58
N ALA B 143 -26.29 -5.77 23.91
CA ALA B 143 -25.82 -4.62 24.67
C ALA B 143 -24.39 -4.85 25.08
N VAL B 144 -23.50 -3.97 24.63
CA VAL B 144 -22.12 -4.01 25.06
C VAL B 144 -21.89 -2.91 26.09
N VAL B 145 -21.74 -3.28 27.35
CA VAL B 145 -21.63 -2.28 28.42
C VAL B 145 -20.18 -1.81 28.57
N SER B 146 -19.99 -0.53 28.35
CA SER B 146 -18.66 0.06 28.38
C SER B 146 -18.68 1.28 29.30
N SER B 147 -17.78 2.22 29.04
CA SER B 147 -17.48 3.25 30.01
C SER B 147 -16.98 4.53 29.35
N VAL B 148 -17.12 5.65 30.05
CA VAL B 148 -16.51 6.89 29.61
C VAL B 148 -15.01 6.67 29.36
N ALA B 149 -14.43 5.78 30.15
CA ALA B 149 -13.04 5.37 30.02
C ALA B 149 -12.82 4.45 28.81
N GLY B 150 -13.88 4.22 28.06
CA GLY B 150 -13.79 3.50 26.79
C GLY B 150 -13.89 4.45 25.62
N LYS B 151 -13.91 5.75 25.92
CA LYS B 151 -14.04 6.79 24.90
C LYS B 151 -12.93 7.84 25.08
N ILE B 152 -12.51 8.04 26.33
CA ILE B 152 -11.40 8.92 26.61
C ILE B 152 -10.57 8.25 27.69
N THR B 153 -9.40 8.81 27.98
CA THR B 153 -8.50 8.18 28.93
C THR B 153 -8.42 8.92 30.26
N TYR B 154 -8.27 8.12 31.32
CA TYR B 154 -8.16 8.60 32.69
C TYR B 154 -6.92 7.97 33.31
N PRO B 155 -6.13 8.77 34.00
CA PRO B 155 -5.07 8.26 34.86
C PRO B 155 -5.60 7.19 35.82
N LEU B 156 -4.92 6.05 35.87
CA LEU B 156 -5.02 5.14 37.01
C LEU B 156 -5.78 3.87 36.65
N ILE B 157 -6.17 3.76 35.39
CA ILE B 157 -6.92 2.60 34.91
C ILE B 157 -6.54 2.13 33.50
N ALA B 158 -5.25 2.11 33.21
CA ALA B 158 -4.78 1.72 31.86
C ALA B 158 -5.30 0.36 31.38
N PRO B 159 -5.18 -0.70 32.22
CA PRO B 159 -5.62 -2.04 31.83
C PRO B 159 -7.10 -2.10 31.48
N TYR B 160 -7.91 -1.43 32.29
CA TYR B 160 -9.36 -1.36 32.11
C TYR B 160 -9.71 -0.57 30.84
N SER B 161 -9.06 0.57 30.67
CA SER B 161 -9.34 1.42 29.51
C SER B 161 -9.00 0.73 28.20
N ALA B 162 -7.86 0.04 28.15
CA ALA B 162 -7.46 -0.67 26.94
C ALA B 162 -8.54 -1.65 26.49
N SER B 163 -9.08 -2.40 27.43
CA SER B 163 -10.07 -3.43 27.14
C SER B 163 -11.40 -2.81 26.70
N LYS B 164 -11.75 -1.66 27.28
CA LYS B 164 -12.98 -0.96 26.88
C LYS B 164 -12.85 -0.29 25.50
N PHE B 165 -11.71 0.31 25.24
CA PHE B 165 -11.41 0.82 23.90
C PHE B 165 -11.51 -0.32 22.87
N ALA B 166 -10.94 -1.47 23.22
CA ALA B 166 -10.94 -2.63 22.35
C ALA B 166 -12.37 -2.99 21.96
N LEU B 167 -13.27 -2.99 22.94
CA LEU B 167 -14.68 -3.26 22.69
C LEU B 167 -15.28 -2.33 21.63
N ASP B 168 -14.96 -1.05 21.73
CA ASP B 168 -15.47 -0.05 20.78
C ASP B 168 -14.97 -0.41 19.38
N GLY B 169 -13.66 -0.60 19.27
CA GLY B 169 -13.08 -0.96 17.98
C GLY B 169 -13.77 -2.18 17.37
N PHE B 170 -13.94 -3.23 18.16
CA PHE B 170 -14.46 -4.48 17.61
C PHE B 170 -15.94 -4.39 17.26
N PHE B 171 -16.77 -4.09 18.25
CA PHE B 171 -18.22 -4.08 18.05
C PHE B 171 -18.73 -2.98 17.12
N SER B 172 -18.02 -1.88 17.02
CA SER B 172 -18.40 -0.82 16.10
C SER B 172 -18.10 -1.24 14.68
N THR B 173 -17.02 -2.00 14.51
CA THR B 173 -16.70 -2.53 13.20
C THR B 173 -17.72 -3.58 12.80
N LEU B 174 -18.09 -4.43 13.76
CA LEU B 174 -19.06 -5.48 13.51
C LEU B 174 -20.41 -4.91 13.12
N ARG B 175 -20.82 -3.83 13.81
CA ARG B 175 -22.08 -3.17 13.50
C ARG B 175 -22.10 -2.67 12.05
N SER B 176 -21.02 -2.02 11.62
CA SER B 176 -20.90 -1.50 10.26
C SER B 176 -21.02 -2.63 9.24
N GLU B 177 -20.47 -3.78 9.57
CA GLU B 177 -20.55 -4.93 8.68
C GLU B 177 -22.00 -5.45 8.62
N PHE B 178 -22.62 -5.60 9.77
CA PHE B 178 -24.01 -6.03 9.84
C PHE B 178 -24.91 -5.13 9.01
N LEU B 179 -24.61 -3.84 8.99
CA LEU B 179 -25.39 -2.88 8.22
C LEU B 179 -25.17 -3.07 6.72
N VAL B 180 -23.90 -3.16 6.33
CA VAL B 180 -23.56 -3.40 4.94
C VAL B 180 -24.17 -4.70 4.41
N ASN B 181 -24.23 -5.71 5.26
CA ASN B 181 -24.77 -7.01 4.87
C ASN B 181 -26.24 -7.19 5.22
N LYS B 182 -26.85 -6.13 5.74
CA LYS B 182 -28.25 -6.16 6.13
C LYS B 182 -28.60 -7.32 7.06
N VAL B 183 -27.67 -7.65 7.95
CA VAL B 183 -27.95 -8.54 9.06
C VAL B 183 -28.68 -7.73 10.13
N ASN B 184 -29.86 -8.20 10.53
CA ASN B 184 -30.66 -7.40 11.46
C ASN B 184 -30.50 -7.78 12.92
N VAL B 185 -29.26 -7.76 13.39
CA VAL B 185 -28.96 -7.88 14.81
C VAL B 185 -28.37 -6.54 15.22
N SER B 186 -29.01 -5.88 16.18
CA SER B 186 -28.53 -4.56 16.60
C SER B 186 -27.44 -4.66 17.66
N ILE B 187 -26.50 -3.74 17.62
CA ILE B 187 -25.41 -3.70 18.57
C ILE B 187 -25.36 -2.35 19.25
N THR B 188 -25.65 -2.33 20.55
CA THR B 188 -25.70 -1.09 21.30
C THR B 188 -24.52 -0.96 22.26
N LEU B 189 -23.69 0.05 22.04
CA LEU B 189 -22.58 0.32 22.94
C LEU B 189 -23.02 1.31 24.02
N CYS B 190 -22.97 0.87 25.28
CA CYS B 190 -23.42 1.70 26.38
C CYS B 190 -22.24 2.37 27.06
N ILE B 191 -22.27 3.70 27.10
CA ILE B 191 -21.18 4.47 27.68
C ILE B 191 -21.61 5.04 29.02
N LEU B 192 -21.04 4.52 30.10
CA LEU B 192 -21.49 4.86 31.44
C LEU B 192 -20.52 5.79 32.15
N GLY B 193 -21.06 6.80 32.85
CA GLY B 193 -20.26 7.60 33.74
C GLY B 193 -20.15 6.88 35.07
N LEU B 194 -19.67 7.56 36.10
CA LEU B 194 -19.60 6.96 37.43
C LEU B 194 -21.00 6.60 37.90
N ILE B 195 -21.19 5.31 38.20
CA ILE B 195 -22.46 4.79 38.69
C ILE B 195 -22.30 4.31 40.12
N ASP B 196 -23.30 4.56 40.97
CA ASP B 196 -23.15 4.30 42.40
C ASP B 196 -23.29 2.84 42.81
N THR B 197 -22.54 1.95 42.17
CA THR B 197 -22.48 0.56 42.61
C THR B 197 -21.49 0.52 43.77
N GLU B 198 -21.65 -0.46 44.65
CA GLU B 198 -20.77 -0.57 45.81
C GLU B 198 -19.32 -0.65 45.37
N THR B 199 -19.08 -1.40 44.30
CA THR B 199 -17.74 -1.60 43.78
C THR B 199 -17.09 -0.31 43.28
N ALA B 200 -17.83 0.48 42.48
CA ALA B 200 -17.27 1.72 41.93
C ALA B 200 -17.06 2.79 43.01
N ILE B 201 -17.93 2.80 44.00
CA ILE B 201 -17.81 3.77 45.08
C ILE B 201 -16.59 3.51 45.96
N LYS B 202 -16.35 2.24 46.27
CA LYS B 202 -15.16 1.86 47.02
C LYS B 202 -13.88 2.17 46.24
N ALA B 203 -13.88 1.84 44.95
CA ALA B 203 -12.66 1.98 44.14
C ALA B 203 -12.24 3.44 43.95
N THR B 204 -13.21 4.33 43.93
CA THR B 204 -12.94 5.73 43.65
C THR B 204 -13.08 6.62 44.89
N SER B 205 -13.51 6.03 45.99
CA SER B 205 -13.88 6.77 47.21
C SER B 205 -13.17 8.12 47.41
N GLY B 206 -11.86 8.07 47.65
CA GLY B 206 -11.12 9.28 47.95
C GLY B 206 -10.18 9.73 46.86
N ILE B 207 -10.52 9.38 45.63
CA ILE B 207 -9.65 9.64 44.49
C ILE B 207 -10.41 10.43 43.45
N TYR B 208 -11.37 9.79 42.78
CA TYR B 208 -12.23 10.53 41.89
C TYR B 208 -13.35 11.18 42.70
N LEU B 209 -13.34 12.50 42.70
CA LEU B 209 -14.34 13.27 43.42
C LEU B 209 -15.53 13.61 42.53
N GLY B 210 -15.78 12.79 41.51
CA GLY B 210 -16.90 13.02 40.62
C GLY B 210 -18.21 12.53 41.21
N PRO B 211 -19.33 12.99 40.63
CA PRO B 211 -20.67 12.68 41.13
C PRO B 211 -21.17 11.40 40.48
N ALA B 212 -21.72 10.48 41.27
CA ALA B 212 -22.16 9.21 40.76
C ALA B 212 -23.63 9.26 40.37
N SER B 213 -24.00 8.53 39.33
CA SER B 213 -25.40 8.40 38.94
C SER B 213 -26.02 7.13 39.52
N PRO B 214 -27.34 7.13 39.73
CA PRO B 214 -28.01 5.99 40.36
C PRO B 214 -27.97 4.75 39.47
N LYS B 215 -27.76 3.57 40.06
CA LYS B 215 -27.63 2.34 39.28
C LYS B 215 -28.97 1.87 38.72
N GLU B 216 -30.05 2.09 39.46
CA GLU B 216 -31.37 1.64 39.03
C GLU B 216 -31.78 2.27 37.69
N GLU B 217 -31.61 3.58 37.58
CA GLU B 217 -31.93 4.29 36.35
C GLU B 217 -30.95 3.94 35.23
N CYS B 218 -29.68 3.73 35.63
CA CYS B 218 -28.65 3.32 34.69
C CYS B 218 -29.06 2.03 33.95
N ALA B 219 -29.46 1.03 34.74
CA ALA B 219 -29.85 -0.27 34.23
C ALA B 219 -31.05 -0.15 33.30
N LEU B 220 -32.00 0.71 33.65
CA LEU B 220 -33.19 0.91 32.84
C LEU B 220 -32.83 1.54 31.51
N GLU B 221 -31.93 2.52 31.55
CA GLU B 221 -31.50 3.21 30.34
C GLU B 221 -30.74 2.28 29.39
N ILE B 222 -30.01 1.32 29.95
CA ILE B 222 -29.35 0.31 29.14
C ILE B 222 -30.37 -0.55 28.41
N ILE B 223 -31.40 -0.97 29.14
CA ILE B 223 -32.45 -1.79 28.57
C ILE B 223 -33.20 -1.05 27.46
N LYS B 224 -33.56 0.20 27.73
CA LYS B 224 -34.27 1.02 26.75
C LYS B 224 -33.46 1.22 25.47
N GLY B 225 -32.21 1.66 25.63
CA GLY B 225 -31.36 1.95 24.49
C GLY B 225 -31.15 0.73 23.61
N THR B 226 -31.09 -0.43 24.23
CA THR B 226 -30.87 -1.67 23.49
C THR B 226 -32.16 -2.14 22.82
N ALA B 227 -33.28 -1.98 23.53
CA ALA B 227 -34.58 -2.34 22.99
C ALA B 227 -34.88 -1.49 21.75
N LEU B 228 -34.56 -0.21 21.84
CA LEU B 228 -34.78 0.72 20.73
C LEU B 228 -33.70 0.60 19.66
N ARG B 229 -32.80 -0.37 19.85
CA ARG B 229 -31.77 -0.70 18.85
C ARG B 229 -30.86 0.47 18.50
N GLN B 230 -30.55 1.29 19.49
CA GLN B 230 -29.64 2.42 19.28
C GLN B 230 -28.20 1.95 19.10
N ASP B 231 -27.43 2.70 18.32
CA ASP B 231 -26.02 2.38 18.13
C ASP B 231 -25.25 2.59 19.43
N GLU B 232 -25.52 3.70 20.10
CA GLU B 232 -24.85 4.03 21.36
C GLU B 232 -25.83 4.61 22.36
N MET B 233 -25.54 4.41 23.65
CA MET B 233 -26.39 4.88 24.73
C MET B 233 -25.49 5.50 25.78
N TYR B 234 -25.64 6.80 25.99
CA TYR B 234 -24.82 7.53 26.93
C TYR B 234 -25.56 7.82 28.23
N TYR B 235 -25.01 7.35 29.35
CA TYR B 235 -25.57 7.67 30.66
C TYR B 235 -24.43 8.13 31.56
N VAL B 236 -24.17 9.43 31.55
CA VAL B 236 -22.93 9.96 32.11
C VAL B 236 -23.13 11.08 33.13
N GLY B 237 -24.38 11.39 33.44
CA GLY B 237 -24.67 12.36 34.48
C GLY B 237 -24.64 13.79 33.99
N SER B 238 -24.69 13.97 32.68
CA SER B 238 -24.78 15.29 32.08
C SER B 238 -25.43 15.18 30.72
N ARG B 239 -26.29 16.14 30.37
CA ARG B 239 -26.95 16.09 29.08
C ARG B 239 -26.02 16.59 27.97
N TRP B 240 -24.94 17.26 28.37
CA TRP B 240 -24.02 17.86 27.41
C TRP B 240 -22.80 16.98 27.10
N VAL B 241 -22.28 16.33 28.13
CA VAL B 241 -21.06 15.54 28.02
C VAL B 241 -21.05 14.50 26.88
N PRO B 242 -22.19 13.84 26.64
CA PRO B 242 -22.24 12.84 25.56
C PRO B 242 -21.71 13.37 24.21
N TYR B 243 -21.87 14.67 23.96
CA TYR B 243 -21.49 15.20 22.66
C TYR B 243 -20.00 15.49 22.59
N LEU B 244 -19.37 15.65 23.75
CA LEU B 244 -17.92 15.78 23.82
C LEU B 244 -17.26 14.40 23.77
N LEU B 245 -18.05 13.36 24.00
CA LEU B 245 -17.55 12.00 23.98
C LEU B 245 -17.85 11.34 22.64
N GLY B 246 -18.95 11.75 22.03
CA GLY B 246 -19.51 11.10 20.85
C GLY B 246 -18.77 11.33 19.56
N ASN B 247 -17.80 12.25 19.57
CA ASN B 247 -16.88 12.41 18.45
C ASN B 247 -17.56 12.55 17.08
N PRO B 248 -18.14 13.74 16.80
CA PRO B 248 -18.77 14.01 15.50
C PRO B 248 -17.82 13.72 14.33
N GLY B 249 -16.54 14.03 14.51
CA GLY B 249 -15.57 13.83 13.44
C GLY B 249 -15.49 12.39 12.96
N ARG B 250 -15.51 11.46 13.91
CA ARG B 250 -15.46 10.03 13.61
C ARG B 250 -16.69 9.56 12.83
N LYS B 251 -17.86 10.01 13.27
CA LYS B 251 -19.11 9.62 12.61
C LYS B 251 -19.16 10.09 11.16
N ILE B 252 -18.72 11.33 10.93
CA ILE B 252 -18.57 11.85 9.58
C ILE B 252 -17.63 11.00 8.77
N MET B 253 -16.42 10.79 9.29
CA MET B 253 -15.41 10.00 8.60
C MET B 253 -15.93 8.61 8.22
N GLU B 254 -16.60 7.95 9.14
CA GLU B 254 -17.06 6.58 8.90
C GLU B 254 -18.14 6.56 7.81
N GLU B 255 -19.02 7.54 7.85
CA GLU B 255 -20.04 7.71 6.82
C GLU B 255 -19.42 7.94 5.43
N LEU B 256 -18.38 8.77 5.36
CA LEU B 256 -17.75 9.14 4.10
C LEU B 256 -16.85 8.04 3.52
N SER B 257 -16.12 7.34 4.39
CA SER B 257 -15.18 6.31 3.95
C SER B 257 -15.89 5.06 3.41
N ALA B 258 -17.18 4.95 3.68
CA ALA B 258 -17.96 3.83 3.18
C ALA B 258 -18.06 3.90 1.66
N ALA B 259 -17.86 5.09 1.12
CA ALA B 259 -17.94 5.31 -0.32
C ALA B 259 -16.63 4.97 -1.01
N GLU B 260 -15.61 4.64 -0.22
CA GLU B 260 -14.30 4.32 -0.76
C GLU B 260 -14.18 2.82 -1.07
N TYR B 261 -15.22 2.06 -0.75
CA TYR B 261 -15.19 0.61 -0.91
C TYR B 261 -15.74 0.17 -2.25
N ASN B 262 -15.29 -0.85 -2.84
CA ASN B 262 -15.77 -1.58 -4.02
C ASN B 262 -16.73 -2.69 -3.58
N TRP B 263 -17.77 -2.21 -3.33
CA TRP B 263 -18.68 -3.26 -2.85
C TRP B 263 -18.90 -4.38 -3.87
N ASP B 264 -18.94 -4.06 -5.15
CA ASP B 264 -19.08 -5.09 -6.16
C ASP B 264 -17.90 -6.06 -6.13
N ASN B 265 -17.03 -6.22 -5.61
CA ASN B 265 -15.79 -6.94 -5.32
C ASN B 265 -15.89 -7.59 -3.95
N VAL B 266 -16.34 -6.38 -3.12
CA VAL B 266 -16.51 -6.88 -1.75
C VAL B 266 -17.73 -7.78 -1.61
N LEU B 267 -18.92 -7.19 -1.75
CA LEU B 267 -20.17 -7.96 -1.77
C LEU B 267 -20.06 -9.14 -2.71
N SER B 268 -19.09 -9.09 -3.63
CA SER B 268 -18.88 -10.18 -4.57
C SER B 268 -17.40 -10.53 -4.70
N ASN B 269 -16.67 -10.45 -3.59
CA ASN B 269 -15.31 -10.98 -3.55
C ASN B 269 -15.43 -12.47 -3.35
N GLU B 270 -16.66 -12.95 -3.50
CA GLU B 270 -16.98 -14.36 -3.26
C GLU B 270 -16.72 -14.66 -1.79
N LYS B 271 -15.46 -14.99 -1.48
CA LYS B 271 -15.11 -15.47 -0.16
C LYS B 271 -14.72 -14.36 0.82
N LEU B 272 -15.68 -13.49 1.14
CA LEU B 272 -15.54 -12.57 2.28
C LEU B 272 -16.57 -12.95 3.33
N TYR B 273 -17.24 -14.08 3.11
CA TYR B 273 -18.34 -14.49 3.98
C TYR B 273 -18.09 -15.84 4.66
N GLY B 274 -19.09 -16.72 4.60
CA GLY B 274 -19.08 -17.92 5.40
C GLY B 274 -19.96 -17.64 6.60
N ARG B 275 -19.90 -18.48 7.63
CA ARG B 275 -20.71 -18.19 8.80
C ARG B 275 -20.24 -18.82 10.12
N TRP B 276 -21.13 -18.80 11.11
CA TRP B 276 -20.79 -19.07 12.49
C TRP B 276 -21.13 -20.50 12.89
N ASN C 1 -9.05 21.86 -34.27
CA ASN C 1 -10.14 22.67 -34.81
C ASN C 1 -9.68 24.06 -35.23
N GLU C 2 -9.12 24.07 -34.88
CA GLU C 2 -8.75 25.47 -35.04
C GLU C 2 -7.26 25.69 -35.29
N LYS C 3 -6.96 26.84 -35.90
CA LYS C 3 -5.61 27.16 -36.36
C LYS C 3 -4.73 27.79 -35.28
N PHE C 4 -3.44 27.49 -35.33
CA PHE C 4 -2.48 28.04 -34.39
C PHE C 4 -2.18 29.51 -34.68
N ARG C 5 -2.00 30.28 -33.62
CA ARG C 5 -1.54 31.65 -33.74
C ARG C 5 -0.49 31.92 -32.66
N PRO C 6 0.62 32.58 -33.04
CA PRO C 6 1.72 32.87 -32.12
C PRO C 6 1.26 33.57 -30.84
N GLU C 7 0.07 34.17 -30.88
CA GLU C 7 -0.45 34.91 -29.74
C GLU C 7 -0.89 33.97 -28.63
N MET C 8 -1.09 32.70 -28.97
CA MET C 8 -1.46 31.69 -28.00
C MET C 8 -0.39 31.55 -26.94
N LEU C 9 0.79 32.09 -27.21
CA LEU C 9 1.92 31.90 -26.29
C LEU C 9 2.43 33.20 -25.68
N GLN C 10 1.90 34.34 -26.13
CA GLN C 10 2.30 35.61 -25.56
C GLN C 10 1.89 35.68 -24.09
N GLY C 11 2.86 35.95 -23.22
CA GLY C 11 2.60 36.03 -21.79
C GLY C 11 2.55 34.68 -21.08
N LYS C 12 2.59 33.58 -21.85
CA LYS C 12 2.55 32.25 -21.24
C LYS C 12 3.84 31.94 -20.50
N LYS C 13 3.73 31.09 -19.48
CA LYS C 13 4.88 30.74 -18.64
C LYS C 13 5.34 29.33 -18.96
N VAL C 14 6.47 29.22 -19.64
CA VAL C 14 6.92 27.95 -20.20
C VAL C 14 8.26 27.52 -19.65
N ILE C 15 8.40 26.23 -19.38
CA ILE C 15 9.68 25.62 -19.05
C ILE C 15 10.16 24.80 -20.23
N VAL C 16 11.42 25.01 -20.64
CA VAL C 16 12.03 24.15 -21.64
C VAL C 16 13.27 23.48 -21.07
N THR C 17 13.23 22.16 -20.95
CA THR C 17 14.42 21.42 -20.52
C THR C 17 15.28 21.06 -21.73
N GLY C 18 16.54 20.75 -21.48
CA GLY C 18 17.48 20.41 -22.53
C GLY C 18 17.57 21.50 -23.57
N ALA C 19 17.70 22.74 -23.10
CA ALA C 19 17.58 23.89 -23.99
C ALA C 19 18.90 24.64 -24.26
N SER C 20 20.03 23.99 -24.02
CA SER C 20 21.31 24.65 -24.26
C SER C 20 21.78 24.47 -25.71
N LYS C 21 21.15 23.53 -26.42
CA LYS C 21 21.48 23.31 -27.82
C LYS C 21 20.37 22.52 -28.53
N GLY C 22 20.58 22.23 -29.81
CA GLY C 22 19.66 21.40 -30.58
C GLY C 22 18.23 21.92 -30.59
N ILE C 23 17.29 20.99 -30.69
CA ILE C 23 15.87 21.32 -30.75
C ILE C 23 15.41 22.22 -29.60
N GLY C 24 15.83 21.89 -28.38
CA GLY C 24 15.44 22.64 -27.20
C GLY C 24 15.79 24.11 -27.27
N ARG C 25 17.01 24.39 -27.69
CA ARG C 25 17.43 25.77 -27.89
C ARG C 25 16.49 26.50 -28.85
N GLU C 26 16.18 25.85 -29.97
CA GLU C 26 15.30 26.44 -30.98
C GLU C 26 13.89 26.64 -30.44
N ILE C 27 13.48 25.77 -29.53
CA ILE C 27 12.16 25.88 -28.92
C ILE C 27 12.13 27.14 -28.07
N ALA C 28 13.21 27.37 -27.34
CA ALA C 28 13.34 28.59 -26.56
C ALA C 28 13.26 29.82 -27.45
N TYR C 29 13.99 29.81 -28.55
CA TYR C 29 14.01 30.96 -29.46
C TYR C 29 12.64 31.30 -30.02
N HIS C 30 11.93 30.29 -30.50
CA HIS C 30 10.56 30.48 -30.99
C HIS C 30 9.67 31.10 -29.91
N LEU C 31 9.74 30.56 -28.70
CA LEU C 31 8.92 31.03 -27.59
C LEU C 31 9.23 32.49 -27.28
N ALA C 32 10.50 32.86 -27.40
CA ALA C 32 10.91 34.23 -27.18
C ALA C 32 10.30 35.15 -28.24
N LYS C 33 10.36 34.72 -29.50
CA LYS C 33 9.77 35.48 -30.59
C LYS C 33 8.27 35.69 -30.38
N MET C 34 7.64 34.78 -29.65
CA MET C 34 6.20 34.86 -29.40
C MET C 34 5.87 35.64 -28.13
N GLY C 35 6.90 36.16 -27.47
CA GLY C 35 6.70 36.94 -26.26
C GLY C 35 6.26 36.15 -25.04
N ALA C 36 6.76 34.93 -24.90
CA ALA C 36 6.45 34.12 -23.73
C ALA C 36 7.49 34.36 -22.64
N HIS C 37 7.13 34.01 -21.41
CA HIS C 37 8.11 33.90 -20.33
C HIS C 37 8.73 32.51 -20.43
N VAL C 38 10.05 32.42 -20.37
CA VAL C 38 10.71 31.11 -20.41
C VAL C 38 11.72 30.90 -19.29
N VAL C 39 11.77 29.66 -18.80
CA VAL C 39 12.86 29.22 -17.94
C VAL C 39 13.50 28.03 -18.63
N VAL C 40 14.74 28.20 -19.06
CA VAL C 40 15.45 27.13 -19.76
C VAL C 40 16.33 26.38 -18.77
N THR C 41 16.54 25.10 -19.02
CA THR C 41 17.45 24.33 -18.18
C THR C 41 18.28 23.31 -18.97
N ALA C 42 19.42 22.95 -18.40
CA ALA C 42 20.36 22.00 -18.97
C ALA C 42 21.52 22.00 -18.01
N ARG C 43 22.58 21.25 -18.31
CA ARG C 43 23.72 21.18 -17.41
C ARG C 43 24.71 22.35 -17.59
N SER C 44 24.88 22.81 -18.82
CA SER C 44 25.88 23.83 -19.12
C SER C 44 25.44 25.27 -18.82
N LYS C 45 26.08 25.88 -17.83
CA LYS C 45 25.76 27.24 -17.42
C LYS C 45 25.99 28.25 -18.54
N GLU C 46 27.20 28.25 -19.08
CA GLU C 46 27.55 29.21 -20.13
C GLU C 46 26.63 29.11 -21.35
N ALA C 47 26.35 27.89 -21.79
CA ALA C 47 25.46 27.70 -22.94
C ALA C 47 24.06 28.24 -22.65
N LEU C 48 23.57 27.95 -21.44
CA LEU C 48 22.25 28.44 -21.04
C LEU C 48 22.22 29.96 -20.98
N GLN C 49 23.30 30.55 -20.49
CA GLN C 49 23.40 32.02 -20.41
C GLN C 49 23.28 32.65 -21.78
N LYS C 50 23.97 32.08 -22.76
CA LYS C 50 23.90 32.57 -24.13
C LYS C 50 22.46 32.50 -24.64
N VAL C 51 21.80 31.39 -24.38
CA VAL C 51 20.41 31.19 -24.80
C VAL C 51 19.48 32.25 -24.18
N VAL C 52 19.66 32.52 -22.90
CA VAL C 52 18.82 33.50 -22.21
C VAL C 52 19.01 34.88 -22.82
N ALA C 53 20.26 35.23 -23.11
CA ALA C 53 20.56 36.52 -23.68
C ALA C 53 19.88 36.68 -25.04
N ARG C 54 20.00 35.66 -25.88
CA ARG C 54 19.38 35.68 -27.20
C ARG C 54 17.86 35.79 -27.09
N CYS C 55 17.26 34.96 -26.22
CA CYS C 55 15.81 34.99 -26.00
C CYS C 55 15.31 36.41 -25.67
N LEU C 56 16.07 37.13 -24.85
CA LEU C 56 15.71 38.49 -24.47
C LEU C 56 15.75 39.44 -25.66
N GLU C 57 16.84 39.39 -26.42
CA GLU C 57 16.91 40.17 -27.64
C GLU C 57 15.73 39.82 -28.55
N LEU C 58 15.39 38.53 -28.59
CA LEU C 58 14.36 38.04 -29.51
C LEU C 58 12.95 38.50 -29.15
N GLY C 59 12.76 38.93 -27.91
CA GLY C 59 11.49 39.51 -27.51
C GLY C 59 10.74 38.71 -26.46
N ALA C 60 11.45 37.83 -25.75
CA ALA C 60 10.86 37.12 -24.63
C ALA C 60 10.30 38.12 -23.62
N ALA C 61 9.19 37.76 -22.97
CA ALA C 61 8.65 38.58 -21.91
C ALA C 61 9.58 38.55 -20.71
N SER C 62 10.13 37.38 -20.44
CA SER C 62 11.21 37.23 -19.48
C SER C 62 11.94 35.94 -19.76
N ALA C 63 13.18 35.83 -19.29
CA ALA C 63 13.97 34.62 -19.52
C ALA C 63 15.00 34.40 -18.42
N HIS C 64 14.97 33.21 -17.84
CA HIS C 64 15.94 32.83 -16.83
C HIS C 64 16.43 31.42 -17.13
N TYR C 65 17.51 31.03 -16.48
CA TYR C 65 18.04 29.69 -16.64
C TYR C 65 18.36 29.11 -15.28
N ILE C 66 18.24 27.79 -15.16
CA ILE C 66 18.70 27.09 -13.98
C ILE C 66 19.49 25.88 -14.45
N ALA C 67 20.74 25.76 -14.00
CA ALA C 67 21.62 24.71 -14.48
C ALA C 67 21.68 23.53 -13.50
N GLY C 68 21.61 22.32 -14.03
CA GLY C 68 21.69 21.11 -13.23
C GLY C 68 21.44 19.86 -14.05
N SER C 69 21.76 18.70 -13.47
CA SER C 69 21.60 17.43 -14.18
C SER C 69 20.25 16.78 -13.87
N MET C 70 19.60 16.25 -14.90
CA MET C 70 18.32 15.58 -14.74
C MET C 70 18.48 14.15 -14.26
N GLU C 71 19.73 13.72 -14.05
CA GLU C 71 19.99 12.41 -13.44
C GLU C 71 19.76 12.51 -11.93
N ASP C 72 19.74 13.75 -11.45
CA ASP C 72 19.48 14.03 -10.04
C ASP C 72 18.00 14.39 -9.84
N MET C 73 17.25 13.51 -9.18
CA MET C 73 15.81 13.69 -9.05
C MET C 73 15.45 14.83 -8.11
N THR C 74 16.29 15.06 -7.12
CA THR C 74 16.10 16.18 -6.20
C THR C 74 16.17 17.49 -6.97
N PHE C 75 17.13 17.61 -7.88
CA PHE C 75 17.25 18.80 -8.70
C PHE C 75 16.00 18.99 -9.56
N ALA C 76 15.61 17.95 -10.30
CA ALA C 76 14.41 17.98 -11.13
C ALA C 76 13.21 18.55 -10.36
N GLU C 77 13.01 18.05 -9.15
CA GLU C 77 11.92 18.49 -8.29
C GLU C 77 12.08 19.95 -7.86
N GLU C 78 13.27 20.30 -7.38
CA GLU C 78 13.53 21.65 -6.92
C GLU C 78 13.52 22.65 -8.07
N PHE C 79 13.95 22.19 -9.24
CA PHE C 79 13.98 23.04 -10.42
C PHE C 79 12.60 23.58 -10.79
N VAL C 80 11.58 22.73 -10.70
CA VAL C 80 10.23 23.12 -11.09
C VAL C 80 9.67 24.16 -10.15
N ALA C 81 9.95 24.01 -8.85
CA ALA C 81 9.52 24.99 -7.86
C ALA C 81 10.18 26.35 -8.11
N GLU C 82 11.50 26.37 -8.20
CA GLU C 82 12.23 27.60 -8.47
C GLU C 82 11.74 28.27 -9.75
N ALA C 83 11.52 27.46 -10.79
CA ALA C 83 11.03 27.98 -12.06
C ALA C 83 9.65 28.62 -11.93
N GLY C 84 8.77 27.97 -11.16
CA GLY C 84 7.44 28.50 -10.93
C GLY C 84 7.48 29.82 -10.17
N ASN C 85 8.40 29.91 -9.22
CA ASN C 85 8.61 31.15 -8.49
C ASN C 85 9.09 32.26 -9.42
N LEU C 86 10.03 31.92 -10.29
CA LEU C 86 10.59 32.91 -11.21
C LEU C 86 9.52 33.53 -12.09
N MET C 87 8.57 32.70 -12.55
CA MET C 87 7.54 33.18 -13.47
C MET C 87 6.20 33.45 -12.78
N GLY C 88 6.07 32.99 -11.53
CA GLY C 88 4.83 33.15 -10.79
C GLY C 88 3.76 32.20 -11.29
N GLY C 89 4.18 31.04 -11.79
CA GLY C 89 3.24 30.07 -12.32
C GLY C 89 3.82 29.29 -13.50
N LEU C 90 2.98 28.47 -14.13
CA LEU C 90 3.42 27.62 -15.23
C LEU C 90 2.26 27.22 -16.13
N ASP C 91 2.38 27.52 -17.42
CA ASP C 91 1.37 27.19 -18.40
C ASP C 91 1.75 25.97 -19.22
N MET C 92 3.04 25.84 -19.52
CA MET C 92 3.49 24.79 -20.41
C MET C 92 4.82 24.19 -19.96
N LEU C 93 4.85 22.87 -19.84
CA LEU C 93 6.09 22.17 -19.50
C LEU C 93 6.60 21.38 -20.70
N ILE C 94 7.71 21.84 -21.27
CA ILE C 94 8.29 21.16 -22.43
C ILE C 94 9.45 20.22 -22.06
N LEU C 95 9.18 18.92 -22.02
CA LEU C 95 10.17 17.93 -21.64
C LEU C 95 10.95 17.45 -22.85
N ASN C 96 12.19 17.90 -22.96
CA ASN C 96 12.97 17.77 -24.18
C ASN C 96 14.34 17.10 -24.01
N HIS C 97 14.92 17.22 -22.82
CA HIS C 97 16.27 16.70 -22.59
C HIS C 97 16.39 15.19 -22.85
N VAL C 98 17.60 14.75 -23.15
CA VAL C 98 17.83 13.34 -23.36
C VAL C 98 19.29 12.99 -23.17
N LEU C 99 19.52 11.73 -22.77
CA LEU C 99 20.85 11.14 -22.80
C LEU C 99 20.98 10.28 -24.05
N TYR C 100 21.98 10.57 -24.88
CA TYR C 100 22.28 9.74 -26.05
C TYR C 100 23.44 8.79 -25.74
N ASN C 101 23.49 7.68 -26.45
CA ASN C 101 24.60 6.73 -26.29
C ASN C 101 24.93 6.42 -27.75
N ARG C 102 26.21 6.24 -28.01
CA ARG C 102 26.74 5.94 -29.36
C ARG C 102 25.92 4.82 -29.99
N LEU C 103 25.39 5.03 -31.20
CA LEU C 103 24.85 3.90 -31.96
C LEU C 103 25.84 2.75 -31.82
N THR C 104 25.40 1.65 -31.21
CA THR C 104 26.25 0.49 -30.99
C THR C 104 25.39 -0.72 -30.67
N PHE C 105 25.80 -1.90 -31.12
CA PHE C 105 25.10 -3.13 -30.75
C PHE C 105 25.15 -3.29 -29.25
N PHE C 106 24.09 -3.84 -28.68
CA PHE C 106 24.05 -4.03 -27.23
C PHE C 106 24.84 -5.27 -26.84
N HIS C 107 25.58 -5.20 -25.74
CA HIS C 107 26.27 -6.41 -25.29
C HIS C 107 26.50 -6.50 -23.77
N GLY C 108 25.61 -5.88 -23.00
CA GLY C 108 25.66 -5.98 -21.56
C GLY C 108 25.97 -4.68 -20.83
N GLU C 109 25.79 -3.55 -21.50
CA GLU C 109 25.98 -2.25 -20.86
C GLU C 109 24.79 -1.86 -19.96
N ILE C 110 24.59 -2.62 -18.89
CA ILE C 110 23.48 -2.41 -17.96
C ILE C 110 23.46 -1.00 -17.39
N ASP C 111 24.63 -0.45 -17.11
CA ASP C 111 24.71 0.89 -16.54
C ASP C 111 24.16 1.93 -17.53
N ASN C 112 24.40 1.70 -18.81
CA ASN C 112 23.85 2.58 -19.83
C ASN C 112 22.32 2.50 -19.86
N VAL C 113 21.78 1.29 -19.69
CA VAL C 113 20.33 1.12 -19.65
C VAL C 113 19.74 1.84 -18.43
N ARG C 114 20.43 1.77 -17.31
CA ARG C 114 19.94 2.38 -16.08
C ARG C 114 19.97 3.90 -16.19
N LYS C 115 21.10 4.44 -16.65
CA LYS C 115 21.27 5.88 -16.77
C LYS C 115 20.33 6.50 -17.81
N SER C 116 20.10 5.77 -18.90
CA SER C 116 19.15 6.22 -19.92
C SER C 116 17.73 6.27 -19.37
N MET C 117 17.38 5.28 -18.58
CA MET C 117 16.04 5.23 -18.00
C MET C 117 15.85 6.36 -16.96
N GLU C 118 16.92 6.67 -16.21
CA GLU C 118 16.89 7.77 -15.25
C GLU C 118 16.68 9.11 -15.95
N VAL C 119 17.53 9.39 -16.94
CA VAL C 119 17.55 10.70 -17.55
C VAL C 119 16.40 10.90 -18.55
N ASN C 120 16.11 9.89 -19.36
CA ASN C 120 15.10 10.04 -20.41
C ASN C 120 13.70 9.82 -19.90
N PHE C 121 13.56 9.06 -18.82
CA PHE C 121 12.24 8.66 -18.36
C PHE C 121 11.87 9.10 -16.94
N HIS C 122 12.63 8.66 -15.95
CA HIS C 122 12.26 8.95 -14.57
C HIS C 122 12.19 10.45 -14.28
N SER C 123 13.10 11.20 -14.87
CA SER C 123 13.11 12.64 -14.63
C SER C 123 11.90 13.32 -15.28
N PHE C 124 11.48 12.82 -16.43
CA PHE C 124 10.27 13.33 -17.07
C PHE C 124 9.08 13.17 -16.13
N VAL C 125 9.01 12.01 -15.47
CA VAL C 125 7.94 11.78 -14.49
C VAL C 125 8.04 12.69 -13.27
N VAL C 126 9.24 12.83 -12.72
CA VAL C 126 9.46 13.65 -11.52
C VAL C 126 9.08 15.10 -11.79
N LEU C 127 9.55 15.62 -12.93
CA LEU C 127 9.24 16.98 -13.35
C LEU C 127 7.74 17.18 -13.52
N SER C 128 7.08 16.22 -14.15
CA SER C 128 5.64 16.33 -14.36
C SER C 128 4.88 16.36 -13.04
N VAL C 129 5.22 15.46 -12.13
CA VAL C 129 4.61 15.45 -10.80
C VAL C 129 4.81 16.78 -10.07
N ALA C 130 6.02 17.31 -10.10
CA ALA C 130 6.32 18.58 -9.44
C ALA C 130 5.55 19.75 -10.04
N ALA C 131 5.27 19.68 -11.34
CA ALA C 131 4.63 20.79 -12.04
C ALA C 131 3.11 20.69 -12.08
N MET C 132 2.58 19.53 -11.67
CA MET C 132 1.15 19.27 -11.84
C MET C 132 0.21 20.26 -11.13
N PRO C 133 0.51 20.59 -9.87
CA PRO C 133 -0.33 21.61 -9.23
C PRO C 133 -0.44 22.88 -10.06
N MET C 134 0.69 23.48 -10.41
CA MET C 134 0.68 24.68 -11.23
C MET C 134 -0.05 24.50 -12.55
N LEU C 135 0.17 23.36 -13.20
CA LEU C 135 -0.47 23.08 -14.48
C LEU C 135 -1.98 22.93 -14.37
N MET C 136 -2.43 22.36 -13.26
CA MET C 136 -3.85 22.16 -13.05
C MET C 136 -4.54 23.51 -12.84
N GLN C 137 -3.88 24.38 -12.08
CA GLN C 137 -4.38 25.72 -11.82
C GLN C 137 -4.53 26.53 -13.12
N SER C 138 -3.56 26.38 -14.01
CA SER C 138 -3.53 27.13 -15.27
C SER C 138 -4.17 26.34 -16.40
N GLN C 139 -4.63 25.13 -16.10
CA GLN C 139 -5.14 24.22 -17.11
C GLN C 139 -4.16 24.16 -18.29
N GLY C 140 -2.89 24.02 -17.95
CA GLY C 140 -1.80 24.09 -18.92
C GLY C 140 -1.53 22.79 -19.64
N SER C 141 -0.33 22.65 -20.18
CA SER C 141 0.00 21.55 -21.08
C SER C 141 1.38 20.96 -20.81
N ILE C 142 1.60 19.73 -21.25
CA ILE C 142 2.91 19.10 -21.20
C ILE C 142 3.29 18.58 -22.57
N ALA C 143 4.48 18.96 -23.03
CA ALA C 143 5.05 18.34 -24.23
C ALA C 143 6.05 17.28 -23.80
N VAL C 144 5.80 16.05 -24.23
CA VAL C 144 6.72 14.95 -23.98
C VAL C 144 7.45 14.64 -25.28
N VAL C 145 8.73 15.02 -25.37
CA VAL C 145 9.46 14.86 -26.62
C VAL C 145 10.04 13.46 -26.74
N SER C 146 9.61 12.74 -27.77
CA SER C 146 10.02 11.36 -27.98
C SER C 146 10.51 11.20 -29.41
N SER C 147 10.41 9.98 -29.92
CA SER C 147 11.13 9.63 -31.13
C SER C 147 10.40 8.53 -31.90
N VAL C 148 10.70 8.42 -33.18
CA VAL C 148 10.21 7.30 -33.97
C VAL C 148 10.65 6.00 -33.30
N ALA C 149 11.79 6.04 -32.61
CA ALA C 149 12.33 4.89 -31.91
C ALA C 149 11.57 4.66 -30.59
N GLY C 150 10.55 5.48 -30.36
CA GLY C 150 9.67 5.28 -29.23
C GLY C 150 8.35 4.69 -29.67
N LYS C 151 8.26 4.34 -30.95
CA LYS C 151 7.06 3.76 -31.54
C LYS C 151 7.38 2.48 -32.27
N ILE C 152 8.60 2.39 -32.80
CA ILE C 152 9.08 1.16 -33.42
C ILE C 152 10.53 0.96 -33.01
N THR C 153 11.09 -0.19 -33.31
CA THR C 153 12.46 -0.45 -32.87
C THR C 153 13.49 -0.40 -34.00
N TYR C 154 14.68 0.07 -33.65
CA TYR C 154 15.82 0.20 -34.55
C TYR C 154 17.02 -0.46 -33.92
N PRO C 155 17.76 -1.25 -34.70
CA PRO C 155 19.02 -1.77 -34.17
C PRO C 155 19.93 -0.63 -33.69
N LEU C 156 20.58 -0.90 -32.62
CA LEU C 156 21.71 -0.07 -32.20
C LEU C 156 21.37 0.99 -31.16
N ILE C 157 20.21 1.04 -30.72
CA ILE C 157 19.78 1.98 -29.69
C ILE C 157 18.80 1.38 -28.66
N ALA C 158 19.05 0.15 -28.23
CA ALA C 158 18.16 -0.50 -27.26
C ALA C 158 17.88 0.30 -25.99
N PRO C 159 18.93 0.83 -25.34
CA PRO C 159 18.73 1.61 -24.09
C PRO C 159 17.86 2.85 -24.30
N TYR C 160 18.11 3.56 -25.38
CA TYR C 160 17.34 4.75 -25.74
C TYR C 160 15.88 4.39 -26.02
N SER C 161 15.69 3.35 -26.82
CA SER C 161 14.35 2.96 -27.24
C SER C 161 13.48 2.53 -26.05
N ALA C 162 14.08 1.78 -25.14
CA ALA C 162 13.37 1.33 -23.95
C ALA C 162 12.78 2.51 -23.17
N SER C 163 13.59 3.55 -23.00
CA SER C 163 13.18 4.70 -22.23
C SER C 163 12.10 5.50 -22.96
N LYS C 164 12.19 5.57 -24.28
CA LYS C 164 11.18 6.28 -25.06
C LYS C 164 9.84 5.51 -25.16
N PHE C 165 9.91 4.19 -25.29
CA PHE C 165 8.70 3.35 -25.17
C PHE C 165 8.06 3.57 -23.80
N ALA C 166 8.89 3.55 -22.75
CA ALA C 166 8.39 3.77 -21.39
C ALA C 166 7.57 5.06 -21.31
N LEU C 167 8.07 6.11 -21.94
CA LEU C 167 7.38 7.40 -21.92
C LEU C 167 5.98 7.29 -22.51
N ASP C 168 5.86 6.56 -23.62
CA ASP C 168 4.58 6.37 -24.28
C ASP C 168 3.62 5.64 -23.34
N GLY C 169 4.07 4.51 -22.79
CA GLY C 169 3.27 3.78 -21.83
C GLY C 169 2.77 4.67 -20.68
N PHE C 170 3.68 5.41 -20.06
CA PHE C 170 3.31 6.17 -18.87
C PHE C 170 2.39 7.36 -19.18
N PHE C 171 2.87 8.26 -20.01
CA PHE C 171 2.11 9.47 -20.31
C PHE C 171 0.81 9.24 -21.08
N SER C 172 0.74 8.19 -21.87
CA SER C 172 -0.50 7.85 -22.58
C SER C 172 -1.54 7.34 -21.60
N THR C 173 -1.08 6.62 -20.59
CA THR C 173 -1.99 6.15 -19.55
C THR C 173 -2.48 7.33 -18.73
N LEU C 174 -1.57 8.24 -18.41
CA LEU C 174 -1.90 9.42 -17.62
C LEU C 174 -2.94 10.27 -18.33
N ARG C 175 -2.73 10.49 -19.63
CA ARG C 175 -3.69 11.24 -20.42
C ARG C 175 -5.09 10.63 -20.33
N SER C 176 -5.19 9.32 -20.51
CA SER C 176 -6.48 8.63 -20.44
C SER C 176 -7.15 8.86 -19.10
N GLU C 177 -6.35 8.89 -18.04
CA GLU C 177 -6.89 9.12 -16.71
C GLU C 177 -7.38 10.56 -16.56
N PHE C 178 -6.58 11.50 -17.05
CA PHE C 178 -6.95 12.90 -17.01
C PHE C 178 -8.26 13.13 -17.75
N LEU C 179 -8.49 12.37 -18.83
CA LEU C 179 -9.72 12.49 -19.59
C LEU C 179 -10.91 11.94 -18.81
N VAL C 180 -10.72 10.76 -18.24
CA VAL C 180 -11.77 10.12 -17.45
C VAL C 180 -12.14 10.98 -16.24
N ASN C 181 -11.15 11.65 -15.65
CA ASN C 181 -11.40 12.49 -14.49
C ASN C 181 -11.62 13.96 -14.83
N LYS C 182 -11.66 14.27 -16.13
CA LYS C 182 -11.88 15.63 -16.60
C LYS C 182 -10.90 16.63 -15.99
N VAL C 183 -9.66 16.18 -15.77
CA VAL C 183 -8.56 17.08 -15.47
C VAL C 183 -8.13 17.73 -16.79
N ASN C 184 -8.12 19.06 -16.82
CA ASN C 184 -7.82 19.76 -18.06
C ASN C 184 -6.36 20.18 -18.23
N VAL C 185 -5.47 19.20 -18.10
CA VAL C 185 -4.08 19.40 -18.45
C VAL C 185 -3.82 18.51 -19.65
N SER C 186 -3.41 19.11 -20.76
CA SER C 186 -3.17 18.33 -21.97
C SER C 186 -1.77 17.71 -21.98
N ILE C 187 -1.66 16.52 -22.56
CA ILE C 187 -0.38 15.84 -22.68
C ILE C 187 -0.10 15.49 -24.14
N THR C 188 0.92 16.12 -24.71
CA THR C 188 1.24 15.93 -26.12
C THR C 188 2.52 15.11 -26.29
N LEU C 189 2.40 13.93 -26.90
CA LEU C 189 3.57 13.12 -27.20
C LEU C 189 4.10 13.46 -28.60
N CYS C 190 5.33 13.96 -28.65
CA CYS C 190 5.93 14.36 -29.90
C CYS C 190 6.84 13.27 -30.46
N ILE C 191 6.51 12.80 -31.66
CA ILE C 191 7.28 11.74 -32.28
C ILE C 191 8.15 12.32 -33.41
N LEU C 192 9.45 12.33 -33.20
CA LEU C 192 10.36 12.98 -34.14
C LEU C 192 11.14 11.97 -34.96
N GLY C 193 11.30 12.27 -36.24
CA GLY C 193 12.19 11.51 -37.10
C GLY C 193 13.60 12.06 -36.89
N LEU C 194 14.53 11.72 -37.76
CA LEU C 194 15.87 12.26 -37.69
C LEU C 194 15.83 13.77 -37.90
N ILE C 195 16.33 14.51 -36.91
CA ILE C 195 16.38 15.96 -36.95
C ILE C 195 17.84 16.41 -37.04
N ASP C 196 18.13 17.47 -37.79
CA ASP C 196 19.51 17.84 -38.07
C ASP C 196 20.19 18.62 -36.95
N THR C 197 20.14 18.09 -35.73
CA THR C 197 20.92 18.67 -34.65
C THR C 197 22.35 18.15 -34.76
N GLU C 198 23.31 18.92 -34.26
CA GLU C 198 24.71 18.52 -34.37
C GLU C 198 24.93 17.14 -33.76
N THR C 199 24.28 16.89 -32.63
CA THR C 199 24.41 15.63 -31.92
C THR C 199 23.86 14.43 -32.70
N ALA C 200 22.68 14.57 -33.30
CA ALA C 200 22.08 13.47 -34.05
C ALA C 200 22.84 13.19 -35.34
N ILE C 201 23.37 14.24 -35.97
CA ILE C 201 24.12 14.08 -37.22
C ILE C 201 25.44 13.34 -36.97
N LYS C 202 26.14 13.70 -35.91
CA LYS C 202 27.39 13.02 -35.56
C LYS C 202 27.13 11.55 -35.22
N ALA C 203 26.08 11.29 -34.46
CA ALA C 203 25.80 9.94 -33.97
C ALA C 203 25.44 8.94 -35.06
N THR C 204 24.66 9.38 -36.03
CA THR C 204 24.23 8.45 -37.05
C THR C 204 25.25 8.34 -38.17
N SER C 205 26.28 9.17 -38.12
CA SER C 205 27.22 9.30 -39.23
C SER C 205 27.84 7.99 -39.73
N GLY C 206 27.57 7.66 -40.99
CA GLY C 206 28.16 6.49 -41.62
C GLY C 206 27.54 5.19 -41.17
N ILE C 207 26.44 5.32 -40.43
CA ILE C 207 25.73 4.18 -39.89
C ILE C 207 24.32 4.16 -40.44
N TYR C 208 23.60 5.27 -40.26
CA TYR C 208 22.23 5.41 -40.76
C TYR C 208 22.18 6.40 -41.93
N LEU C 209 21.78 5.90 -43.10
CA LEU C 209 21.73 6.69 -44.33
C LEU C 209 20.47 7.57 -44.48
N GLY C 210 19.50 7.39 -43.58
CA GLY C 210 18.22 8.10 -43.65
C GLY C 210 18.35 9.61 -43.57
N PRO C 211 17.28 10.34 -43.97
CA PRO C 211 17.25 11.80 -44.12
C PRO C 211 17.16 12.56 -42.79
N ALA C 212 17.47 13.86 -42.78
CA ALA C 212 17.23 14.66 -41.59
C ALA C 212 16.30 15.85 -41.88
N SER C 213 15.42 16.14 -40.93
CA SER C 213 14.54 17.30 -41.03
C SER C 213 15.14 18.48 -40.27
N PRO C 214 14.80 19.71 -40.67
CA PRO C 214 15.37 20.91 -40.05
C PRO C 214 14.91 21.07 -38.61
N LYS C 215 15.81 21.49 -37.72
CA LYS C 215 15.49 21.61 -36.31
C LYS C 215 14.59 22.80 -36.00
N GLU C 216 14.73 23.88 -36.77
CA GLU C 216 13.95 25.08 -36.52
C GLU C 216 12.45 24.81 -36.68
N GLU C 217 12.09 24.15 -37.78
CA GLU C 217 10.69 23.82 -38.03
C GLU C 217 10.19 22.76 -37.06
N CYS C 218 11.08 21.84 -36.69
CA CYS C 218 10.75 20.81 -35.73
C CYS C 218 10.31 21.41 -34.40
N ALA C 219 11.10 22.37 -33.91
CA ALA C 219 10.81 23.06 -32.66
C ALA C 219 9.48 23.80 -32.72
N LEU C 220 9.20 24.42 -33.86
CA LEU C 220 7.96 25.17 -34.03
C LEU C 220 6.76 24.23 -34.02
N GLU C 221 6.93 23.08 -34.68
CA GLU C 221 5.84 22.10 -34.75
C GLU C 221 5.53 21.52 -33.37
N ILE C 222 6.55 21.40 -32.53
CA ILE C 222 6.36 20.91 -31.18
C ILE C 222 5.53 21.91 -30.39
N ILE C 223 5.87 23.19 -30.54
CA ILE C 223 5.15 24.26 -29.85
C ILE C 223 3.69 24.32 -30.29
N LYS C 224 3.47 24.26 -31.59
CA LYS C 224 2.11 24.29 -32.16
C LYS C 224 1.25 23.14 -31.64
N GLY C 225 1.76 21.92 -31.80
CA GLY C 225 1.00 20.73 -31.44
C GLY C 225 0.65 20.71 -29.97
N THR C 226 1.53 21.26 -29.14
CA THR C 226 1.28 21.35 -27.70
C THR C 226 0.28 22.44 -27.39
N ALA C 227 0.44 23.58 -28.05
CA ALA C 227 -0.47 24.70 -27.85
C ALA C 227 -1.88 24.29 -28.22
N LEU C 228 -2.00 23.56 -29.32
CA LEU C 228 -3.31 23.09 -29.78
C LEU C 228 -3.79 21.86 -29.01
N ARG C 229 -3.03 21.49 -27.97
CA ARG C 229 -3.41 20.42 -27.07
C ARG C 229 -3.68 19.09 -27.78
N GLN C 230 -2.89 18.79 -28.81
CA GLN C 230 -2.99 17.50 -29.49
C GLN C 230 -2.46 16.37 -28.63
N ASP C 231 -3.03 15.18 -28.79
CA ASP C 231 -2.53 14.00 -28.10
C ASP C 231 -1.13 13.62 -28.58
N GLU C 232 -0.94 13.66 -29.90
CA GLU C 232 0.34 13.32 -30.48
C GLU C 232 0.70 14.27 -31.62
N MET C 233 1.99 14.44 -31.84
CA MET C 233 2.47 15.33 -32.88
C MET C 233 3.61 14.62 -33.59
N TYR C 234 3.42 14.32 -34.86
CA TYR C 234 4.41 13.60 -35.64
C TYR C 234 5.18 14.57 -36.54
N TYR C 235 6.49 14.57 -36.42
CA TYR C 235 7.34 15.31 -37.35
C TYR C 235 8.48 14.40 -37.81
N VAL C 236 8.24 13.69 -38.91
CA VAL C 236 9.10 12.56 -39.28
C VAL C 236 9.63 12.61 -40.71
N GLY C 237 9.36 13.71 -41.42
CA GLY C 237 9.90 13.90 -42.74
C GLY C 237 9.12 13.20 -43.84
N SER C 238 7.89 12.80 -43.51
CA SER C 238 7.00 12.22 -44.51
C SER C 238 5.55 12.43 -44.06
N ARG C 239 4.67 12.74 -45.00
CA ARG C 239 3.27 12.96 -44.65
C ARG C 239 2.54 11.64 -44.46
N TRP C 240 3.17 10.55 -44.89
CA TRP C 240 2.53 9.24 -44.87
C TRP C 240 2.96 8.39 -43.68
N VAL C 241 4.24 8.46 -43.34
CA VAL C 241 4.82 7.63 -42.29
C VAL C 241 4.07 7.69 -40.95
N PRO C 242 3.55 8.86 -40.56
CA PRO C 242 2.85 8.94 -39.28
C PRO C 242 1.74 7.90 -39.12
N TYR C 243 1.12 7.51 -40.23
CA TYR C 243 0.00 6.59 -40.14
C TYR C 243 0.46 5.15 -39.98
N LEU C 244 1.69 4.88 -40.40
CA LEU C 244 2.32 3.58 -40.17
C LEU C 244 2.87 3.48 -38.75
N LEU C 245 3.02 4.63 -38.10
CA LEU C 245 3.53 4.69 -36.74
C LEU C 245 2.40 4.83 -35.73
N GLY C 246 1.31 5.45 -36.16
CA GLY C 246 0.22 5.84 -35.27
C GLY C 246 -0.70 4.72 -34.83
N ASN C 247 -0.56 3.54 -35.41
CA ASN C 247 -1.22 2.34 -34.89
C ASN C 247 -2.74 2.47 -34.70
N PRO C 248 -3.49 2.46 -35.80
CA PRO C 248 -4.96 2.54 -35.73
C PRO C 248 -5.54 1.48 -34.81
N GLY C 249 -4.92 0.31 -34.79
CA GLY C 249 -5.41 -0.80 -33.98
C GLY C 249 -5.46 -0.45 -32.50
N ARG C 250 -4.40 0.18 -32.02
CA ARG C 250 -4.29 0.54 -30.63
C ARG C 250 -5.35 1.57 -30.25
N LYS C 251 -5.53 2.58 -31.09
CA LYS C 251 -6.51 3.62 -30.81
C LYS C 251 -7.92 3.05 -30.70
N ILE C 252 -8.26 2.15 -31.63
CA ILE C 252 -9.53 1.44 -31.56
C ILE C 252 -9.67 0.66 -30.26
N MET C 253 -8.69 -0.18 -29.96
CA MET C 253 -8.68 -0.96 -28.72
C MET C 253 -8.87 -0.11 -27.47
N GLU C 254 -8.15 1.00 -27.38
CA GLU C 254 -8.21 1.83 -26.20
C GLU C 254 -9.60 2.45 -26.05
N GLU C 255 -10.18 2.85 -27.18
CA GLU C 255 -11.52 3.43 -27.20
C GLU C 255 -12.55 2.40 -26.74
N LEU C 256 -12.41 1.16 -27.20
CA LEU C 256 -13.37 0.11 -26.89
C LEU C 256 -13.23 -0.45 -25.47
N SER C 257 -12.01 -0.57 -24.99
CA SER C 257 -11.75 -1.15 -23.67
C SER C 257 -12.20 -0.23 -22.53
N ALA C 258 -12.43 1.04 -22.86
CA ALA C 258 -12.92 1.99 -21.86
C ALA C 258 -14.30 1.60 -21.38
N ALA C 259 -15.01 0.82 -22.21
CA ALA C 259 -16.36 0.40 -21.90
C ALA C 259 -16.37 -0.83 -21.00
N GLU C 260 -15.18 -1.38 -20.73
CA GLU C 260 -15.05 -2.57 -19.92
C GLU C 260 -14.90 -2.23 -18.43
N TYR C 261 -14.83 -0.94 -18.14
CA TYR C 261 -14.60 -0.49 -16.77
C TYR C 261 -15.91 -0.23 -16.02
N ASN C 262 -15.94 -0.62 -14.75
CA ASN C 262 -17.05 -0.31 -13.87
C ASN C 262 -16.86 1.09 -13.29
N TRP C 263 -17.20 2.10 -14.08
CA TRP C 263 -16.83 3.47 -13.78
C TRP C 263 -17.55 4.04 -12.57
N ASP C 264 -18.68 3.43 -12.24
CA ASP C 264 -19.44 3.84 -11.07
C ASP C 264 -18.73 3.43 -9.77
N ASN C 265 -17.90 2.41 -9.84
CA ASN C 265 -17.10 2.00 -8.68
C ASN C 265 -15.70 2.59 -8.72
N VAL C 266 -15.40 3.28 -9.80
CA VAL C 266 -14.09 3.91 -9.95
C VAL C 266 -14.19 5.39 -9.63
N LEU C 267 -15.02 6.10 -10.39
CA LEU C 267 -15.13 7.54 -10.26
C LEU C 267 -15.81 7.95 -8.95
N SER C 268 -16.74 7.13 -8.49
CA SER C 268 -17.45 7.43 -7.24
C SER C 268 -16.58 7.13 -6.03
N ASN C 269 -15.55 6.32 -6.23
CA ASN C 269 -14.58 6.06 -5.17
C ASN C 269 -13.50 7.15 -5.17
N GLU C 270 -13.54 8.01 -6.19
CA GLU C 270 -12.60 9.11 -6.29
C GLU C 270 -12.98 10.26 -5.35
N LYS C 271 -12.61 10.10 -4.08
CA LYS C 271 -12.76 11.15 -3.10
C LYS C 271 -11.40 11.49 -2.51
N LEU C 272 -10.37 11.26 -3.32
CA LEU C 272 -9.01 11.68 -3.00
C LEU C 272 -8.31 12.16 -4.27
N ARG C 275 -4.11 13.30 -3.94
CA ARG C 275 -3.50 14.17 -4.93
C ARG C 275 -1.99 14.38 -4.74
N TRP C 276 -1.48 15.44 -5.36
CA TRP C 276 -0.05 15.65 -5.53
C TRP C 276 0.54 16.59 -4.50
N GLU D 2 5.13 -26.91 -38.88
CA GLU D 2 6.09 -26.72 -37.81
C GLU D 2 5.40 -26.79 -36.45
N LYS D 3 4.90 -27.98 -36.12
CA LYS D 3 4.05 -28.19 -34.95
C LYS D 3 4.85 -28.45 -33.68
N PHE D 4 4.31 -28.00 -32.55
CA PHE D 4 4.95 -28.22 -31.26
C PHE D 4 4.79 -29.64 -30.78
N ARG D 5 5.82 -30.16 -30.13
CA ARG D 5 5.76 -31.45 -29.46
C ARG D 5 6.44 -31.38 -28.10
N PRO D 6 5.80 -31.94 -27.07
CA PRO D 6 6.33 -31.89 -25.69
C PRO D 6 7.77 -32.39 -25.60
N GLU D 7 8.21 -33.16 -26.59
CA GLU D 7 9.57 -33.70 -26.59
C GLU D 7 10.61 -32.62 -26.84
N MET D 8 10.17 -31.49 -27.38
CA MET D 8 11.07 -30.37 -27.63
C MET D 8 11.67 -29.86 -26.33
N LEU D 9 11.09 -30.26 -25.21
CA LEU D 9 11.53 -29.77 -23.91
C LEU D 9 12.12 -30.82 -23.00
N GLN D 10 12.05 -32.09 -23.41
CA GLN D 10 12.62 -33.17 -22.61
C GLN D 10 14.13 -32.99 -22.52
N GLY D 11 14.65 -32.97 -21.31
CA GLY D 11 16.07 -32.77 -21.08
C GLY D 11 16.55 -31.33 -21.17
N LYS D 12 15.69 -30.42 -21.58
CA LYS D 12 16.07 -29.01 -21.69
C LYS D 12 16.31 -28.38 -20.33
N LYS D 13 17.17 -27.38 -20.28
CA LYS D 13 17.51 -26.72 -19.03
C LYS D 13 16.84 -25.34 -18.98
N VAL D 14 15.80 -25.22 -18.16
CA VAL D 14 14.97 -24.04 -18.15
C VAL D 14 14.97 -23.32 -16.82
N ILE D 15 14.97 -21.99 -16.87
CA ILE D 15 14.78 -21.16 -15.69
C ILE D 15 13.40 -20.53 -15.76
N VAL D 16 12.64 -20.61 -14.68
CA VAL D 16 11.37 -19.90 -14.57
C VAL D 16 11.39 -18.96 -13.38
N THR D 17 11.32 -17.67 -13.64
CA THR D 17 11.23 -16.70 -12.55
C THR D 17 9.76 -16.46 -12.21
N GLY D 18 9.51 -15.94 -11.02
CA GLY D 18 8.16 -15.72 -10.54
C GLY D 18 7.32 -16.98 -10.53
N ALA D 19 7.90 -18.06 -10.03
CA ALA D 19 7.28 -19.37 -10.18
C ALA D 19 6.68 -19.96 -8.89
N SER D 20 6.43 -19.13 -7.89
CA SER D 20 5.86 -19.63 -6.65
C SER D 20 4.33 -19.67 -6.70
N LYS D 21 3.75 -18.98 -7.67
CA LYS D 21 2.30 -19.00 -7.86
C LYS D 21 1.93 -18.52 -9.26
N GLY D 22 0.63 -18.46 -9.52
CA GLY D 22 0.13 -17.94 -10.78
C GLY D 22 0.64 -18.67 -12.01
N ILE D 23 0.77 -17.91 -13.09
CA ILE D 23 1.20 -18.43 -14.37
C ILE D 23 2.56 -19.13 -14.28
N GLY D 24 3.50 -18.50 -13.61
CA GLY D 24 4.84 -19.07 -13.43
C GLY D 24 4.86 -20.46 -12.83
N ARG D 25 4.08 -20.66 -11.78
CA ARG D 25 3.96 -21.97 -11.16
C ARG D 25 3.47 -23.00 -12.18
N GLU D 26 2.42 -22.63 -12.93
CA GLU D 26 1.87 -23.51 -13.96
C GLU D 26 2.88 -23.80 -15.07
N ILE D 27 3.74 -22.83 -15.37
CA ILE D 27 4.77 -23.02 -16.37
C ILE D 27 5.75 -24.08 -15.90
N ALA D 28 6.12 -24.01 -14.62
CA ALA D 28 6.97 -25.02 -14.01
C ALA D 28 6.34 -26.41 -14.11
N TYR D 29 5.06 -26.50 -13.77
CA TYR D 29 4.36 -27.79 -13.81
C TYR D 29 4.36 -28.42 -15.20
N HIS D 30 4.04 -27.62 -16.21
CA HIS D 30 4.06 -28.10 -17.59
C HIS D 30 5.44 -28.61 -17.99
N LEU D 31 6.47 -27.82 -17.68
CA LEU D 31 7.84 -28.20 -17.98
C LEU D 31 8.22 -29.52 -17.30
N ALA D 32 7.72 -29.72 -16.08
CA ALA D 32 7.99 -30.95 -15.36
C ALA D 32 7.34 -32.13 -16.07
N LYS D 33 6.09 -31.94 -16.49
CA LYS D 33 5.39 -32.99 -17.24
C LYS D 33 6.12 -33.36 -18.52
N MET D 34 6.90 -32.42 -19.05
CA MET D 34 7.62 -32.64 -20.29
C MET D 34 9.02 -33.20 -20.06
N GLY D 35 9.36 -33.44 -18.81
CA GLY D 35 10.65 -34.00 -18.47
C GLY D 35 11.84 -33.06 -18.65
N ALA D 36 11.62 -31.76 -18.43
CA ALA D 36 12.70 -30.78 -18.47
C ALA D 36 13.41 -30.66 -17.13
N HIS D 37 14.63 -30.11 -17.15
CA HIS D 37 15.29 -29.67 -15.93
C HIS D 37 14.80 -28.26 -15.64
N VAL D 38 14.39 -27.99 -14.40
CA VAL D 38 13.93 -26.64 -14.07
C VAL D 38 14.61 -26.06 -12.84
N VAL D 39 14.86 -24.75 -12.89
CA VAL D 39 15.23 -24.00 -11.69
C VAL D 39 14.21 -22.90 -11.53
N VAL D 40 13.41 -22.99 -10.47
CA VAL D 40 12.38 -22.00 -10.22
C VAL D 40 12.89 -20.94 -9.24
N THR D 41 12.42 -19.70 -9.39
CA THR D 41 12.78 -18.66 -8.43
C THR D 41 11.61 -17.73 -8.12
N ALA D 42 11.71 -17.10 -6.96
CA ALA D 42 10.73 -16.15 -6.43
C ALA D 42 11.25 -15.79 -5.04
N ARG D 43 10.51 -15.01 -4.30
CA ARG D 43 10.94 -14.61 -2.96
C ARG D 43 10.60 -15.64 -1.88
N SER D 44 9.46 -16.30 -2.01
CA SER D 44 8.99 -17.20 -0.96
C SER D 44 9.61 -18.60 -1.01
N LYS D 45 10.38 -18.92 0.02
CA LYS D 45 11.08 -20.20 0.10
C LYS D 45 10.10 -21.36 0.17
N GLU D 46 9.15 -21.29 1.10
CA GLU D 46 8.22 -22.38 1.32
C GLU D 46 7.38 -22.67 0.08
N ALA D 47 6.89 -21.63 -0.57
CA ALA D 47 6.10 -21.78 -1.79
C ALA D 47 6.94 -22.43 -2.89
N LEU D 48 8.18 -21.98 -3.04
CA LEU D 48 9.09 -22.56 -4.04
C LEU D 48 9.35 -24.03 -3.75
N GLN D 49 9.54 -24.36 -2.48
CA GLN D 49 9.77 -25.74 -2.08
C GLN D 49 8.61 -26.65 -2.48
N LYS D 50 7.39 -26.18 -2.26
CA LYS D 50 6.21 -26.95 -2.67
C LYS D 50 6.21 -27.19 -4.18
N VAL D 51 6.52 -26.14 -4.93
CA VAL D 51 6.58 -26.23 -6.40
C VAL D 51 7.62 -27.24 -6.88
N VAL D 52 8.81 -27.20 -6.27
CA VAL D 52 9.85 -28.15 -6.62
C VAL D 52 9.40 -29.60 -6.37
N ALA D 53 8.78 -29.83 -5.21
CA ALA D 53 8.32 -31.17 -4.86
C ALA D 53 7.30 -31.66 -5.89
N ARG D 54 6.37 -30.78 -6.24
CA ARG D 54 5.32 -31.10 -7.21
C ARG D 54 5.90 -31.40 -8.59
N CYS D 55 6.88 -30.60 -9.00
CA CYS D 55 7.55 -30.79 -10.29
C CYS D 55 8.23 -32.16 -10.38
N LEU D 56 8.87 -32.58 -9.29
CA LEU D 56 9.53 -33.87 -9.23
C LEU D 56 8.52 -35.01 -9.38
N GLU D 57 7.42 -34.92 -8.63
CA GLU D 57 6.36 -35.90 -8.73
C GLU D 57 5.85 -35.93 -10.18
N LEU D 58 5.78 -34.76 -10.80
CA LEU D 58 5.20 -34.61 -12.12
C LEU D 58 6.07 -35.19 -13.24
N GLY D 59 7.35 -35.39 -12.97
CA GLY D 59 8.21 -36.04 -13.94
C GLY D 59 9.35 -35.17 -14.44
N ALA D 60 9.65 -34.10 -13.72
CA ALA D 60 10.80 -33.27 -14.06
C ALA D 60 12.09 -34.10 -14.06
N ALA D 61 13.00 -33.80 -14.97
CA ALA D 61 14.29 -34.46 -14.99
C ALA D 61 15.07 -34.07 -13.74
N SER D 62 14.96 -32.80 -13.38
CA SER D 62 15.49 -32.32 -12.11
C SER D 62 14.80 -31.00 -11.77
N ALA D 63 14.81 -30.64 -10.49
CA ALA D 63 14.15 -29.41 -10.08
C ALA D 63 14.80 -28.83 -8.82
N HIS D 64 15.17 -27.56 -8.90
CA HIS D 64 15.73 -26.86 -7.77
C HIS D 64 15.09 -25.49 -7.66
N TYR D 65 15.29 -24.83 -6.54
CA TYR D 65 14.76 -23.49 -6.36
C TYR D 65 15.85 -22.61 -5.77
N ILE D 66 15.80 -21.32 -6.12
CA ILE D 66 16.65 -20.34 -5.45
C ILE D 66 15.78 -19.14 -5.08
N ALA D 67 15.76 -18.80 -3.79
CA ALA D 67 14.87 -17.75 -3.31
C ALA D 67 15.60 -16.41 -3.20
N GLY D 68 14.96 -15.34 -3.70
CA GLY D 68 15.50 -14.00 -3.59
C GLY D 68 14.64 -12.97 -4.30
N SER D 69 14.90 -11.69 -4.05
CA SER D 69 14.14 -10.62 -4.69
C SER D 69 14.81 -10.12 -5.97
N MET D 70 14.00 -9.89 -7.00
CA MET D 70 14.51 -9.37 -8.26
C MET D 70 14.68 -7.86 -8.23
N GLU D 71 14.38 -7.23 -7.09
CA GLU D 71 14.68 -5.82 -6.92
C GLU D 71 16.18 -5.66 -6.65
N ASP D 72 16.82 -6.77 -6.29
CA ASP D 72 18.25 -6.79 -6.04
C ASP D 72 18.98 -7.32 -7.28
N MET D 73 19.74 -6.44 -7.93
CA MET D 73 20.36 -6.77 -9.20
C MET D 73 21.53 -7.75 -9.03
N THR D 74 22.20 -7.65 -7.90
CA THR D 74 23.26 -8.59 -7.56
C THR D 74 22.70 -10.00 -7.48
N PHE D 75 21.53 -10.15 -6.86
CA PHE D 75 20.89 -11.46 -6.78
C PHE D 75 20.53 -11.98 -8.16
N ALA D 76 19.87 -11.16 -8.96
CA ALA D 76 19.50 -11.56 -10.33
C ALA D 76 20.69 -12.12 -11.09
N GLU D 77 21.82 -11.41 -10.98
CA GLU D 77 23.04 -11.83 -11.65
C GLU D 77 23.60 -13.14 -11.09
N GLU D 78 23.74 -13.20 -9.78
CA GLU D 78 24.23 -14.41 -9.12
C GLU D 78 23.28 -15.59 -9.27
N PHE D 79 21.98 -15.32 -9.35
CA PHE D 79 21.00 -16.38 -9.50
C PHE D 79 21.22 -17.17 -10.80
N VAL D 80 21.51 -16.47 -11.88
CA VAL D 80 21.65 -17.11 -13.18
C VAL D 80 22.88 -18.01 -13.23
N ALA D 81 23.96 -17.57 -12.59
CA ALA D 81 25.16 -18.39 -12.50
C ALA D 81 24.91 -19.65 -11.69
N GLU D 82 24.37 -19.51 -10.49
CA GLU D 82 24.05 -20.67 -9.66
C GLU D 82 23.12 -21.62 -10.38
N ALA D 83 22.11 -21.09 -11.06
CA ALA D 83 21.16 -21.92 -11.78
C ALA D 83 21.84 -22.69 -12.90
N GLY D 84 22.75 -22.03 -13.62
CA GLY D 84 23.48 -22.68 -14.69
C GLY D 84 24.37 -23.80 -14.16
N ASN D 85 24.96 -23.57 -12.99
CA ASN D 85 25.74 -24.60 -12.33
C ASN D 85 24.87 -25.78 -11.96
N LEU D 86 23.69 -25.50 -11.42
CA LEU D 86 22.79 -26.57 -10.98
C LEU D 86 22.41 -27.50 -12.14
N MET D 87 22.20 -26.93 -13.32
CA MET D 87 21.76 -27.72 -14.46
C MET D 87 22.89 -28.04 -15.45
N GLY D 88 24.02 -27.35 -15.28
CA GLY D 88 25.16 -27.52 -16.18
C GLY D 88 24.91 -26.85 -17.52
N GLY D 89 24.14 -25.76 -17.50
CA GLY D 89 23.84 -25.02 -18.71
C GLY D 89 22.45 -24.43 -18.70
N LEU D 90 22.02 -23.89 -19.84
CA LEU D 90 20.74 -23.23 -19.94
C LEU D 90 20.23 -23.19 -21.38
N ASP D 91 19.04 -23.73 -21.59
CA ASP D 91 18.41 -23.73 -22.92
C ASP D 91 17.35 -22.64 -23.04
N MET D 92 16.61 -22.41 -21.96
CA MET D 92 15.48 -21.49 -22.01
C MET D 92 15.39 -20.62 -20.75
N LEU D 93 15.23 -19.31 -20.95
CA LEU D 93 15.08 -18.38 -19.83
C LEU D 93 13.69 -17.79 -19.87
N ILE D 94 12.85 -18.18 -18.92
CA ILE D 94 11.48 -17.68 -18.88
C ILE D 94 11.30 -16.56 -17.87
N LEU D 95 11.25 -15.32 -18.37
CA LEU D 95 11.13 -14.15 -17.50
C LEU D 95 9.67 -13.82 -17.24
N ASN D 96 9.22 -14.13 -16.03
CA ASN D 96 7.80 -14.11 -15.72
C ASN D 96 7.40 -13.21 -14.54
N HIS D 97 8.33 -12.99 -13.61
CA HIS D 97 8.01 -12.29 -12.38
C HIS D 97 7.54 -10.87 -12.63
N VAL D 98 6.78 -10.33 -11.68
CA VAL D 98 6.32 -8.95 -11.79
C VAL D 98 6.01 -8.41 -10.39
N LEU D 99 6.29 -7.13 -10.19
CA LEU D 99 6.03 -6.50 -8.91
C LEU D 99 4.54 -6.46 -8.62
N TYR D 100 4.19 -6.73 -7.37
CA TYR D 100 2.86 -6.45 -6.83
C TYR D 100 2.42 -5.11 -7.35
N ASN D 101 1.18 -5.04 -7.79
CA ASN D 101 0.62 -3.77 -8.18
C ASN D 101 -0.86 -3.82 -7.96
N ARG D 102 -1.51 -2.67 -8.01
CA ARG D 102 -2.96 -2.60 -7.90
C ARG D 102 -3.49 -1.60 -8.90
N LEU D 103 -4.81 -1.47 -8.93
CA LEU D 103 -5.45 -0.52 -9.80
C LEU D 103 -5.83 0.75 -9.04
N THR D 104 -5.25 1.87 -9.46
CA THR D 104 -5.50 3.16 -8.82
C THR D 104 -5.08 4.27 -9.77
N PHE D 105 -5.78 5.40 -9.73
CA PHE D 105 -5.39 6.55 -10.53
C PHE D 105 -4.02 7.00 -10.05
N PHE D 106 -3.18 7.45 -10.98
CA PHE D 106 -1.85 7.93 -10.61
C PHE D 106 -1.97 9.29 -9.92
N HIS D 107 -1.29 9.44 -8.79
CA HIS D 107 -1.38 10.63 -7.96
C HIS D 107 -0.01 11.22 -7.68
N GLY D 108 1.04 10.53 -8.12
CA GLY D 108 2.40 10.97 -7.89
C GLY D 108 3.27 9.95 -7.17
N GLU D 109 2.97 8.66 -7.33
CA GLU D 109 3.73 7.59 -6.67
C GLU D 109 5.04 7.35 -7.41
N ILE D 110 5.94 8.31 -7.32
CA ILE D 110 7.23 8.17 -7.98
C ILE D 110 7.98 6.93 -7.54
N ASP D 111 7.91 6.61 -6.26
CA ASP D 111 8.57 5.42 -5.74
C ASP D 111 7.98 4.17 -6.35
N ASN D 112 6.67 4.16 -6.54
CA ASN D 112 6.03 3.02 -7.21
C ASN D 112 6.57 2.88 -8.65
N VAL D 113 6.73 4.02 -9.32
CA VAL D 113 7.21 4.01 -10.70
C VAL D 113 8.62 3.44 -10.77
N ARG D 114 9.46 3.87 -9.83
CA ARG D 114 10.83 3.40 -9.77
C ARG D 114 10.92 1.91 -9.45
N LYS D 115 10.17 1.47 -8.45
CA LYS D 115 10.22 0.07 -8.03
C LYS D 115 9.67 -0.85 -9.13
N SER D 116 8.62 -0.40 -9.81
CA SER D 116 8.04 -1.18 -10.90
C SER D 116 9.05 -1.35 -12.03
N MET D 117 9.79 -0.28 -12.31
CA MET D 117 10.76 -0.30 -13.39
C MET D 117 11.95 -1.21 -13.03
N GLU D 118 12.34 -1.20 -11.75
CA GLU D 118 13.40 -2.10 -11.27
C GLU D 118 13.02 -3.56 -11.40
N VAL D 119 11.83 -3.90 -10.90
CA VAL D 119 11.43 -5.30 -10.80
C VAL D 119 10.92 -5.85 -12.12
N ASN D 120 10.07 -5.10 -12.79
CA ASN D 120 9.48 -5.57 -14.05
C ASN D 120 10.43 -5.44 -15.25
N PHE D 121 11.36 -4.48 -15.17
CA PHE D 121 12.18 -4.20 -16.34
C PHE D 121 13.67 -4.42 -16.17
N HIS D 122 14.30 -3.66 -15.28
CA HIS D 122 15.74 -3.75 -15.13
C HIS D 122 16.25 -5.14 -14.80
N SER D 123 15.51 -5.88 -13.97
CA SER D 123 15.93 -7.23 -13.62
C SER D 123 15.81 -8.17 -14.83
N PHE D 124 14.83 -7.95 -15.69
CA PHE D 124 14.71 -8.75 -16.90
C PHE D 124 15.97 -8.58 -17.74
N VAL D 125 16.49 -7.36 -17.78
CA VAL D 125 17.69 -7.07 -18.56
C VAL D 125 18.93 -7.68 -17.94
N VAL D 126 19.06 -7.54 -16.62
CA VAL D 126 20.20 -8.08 -15.91
C VAL D 126 20.26 -9.61 -16.04
N LEU D 127 19.10 -10.25 -15.88
CA LEU D 127 19.00 -11.70 -16.00
C LEU D 127 19.39 -12.14 -17.40
N SER D 128 18.91 -11.43 -18.40
CA SER D 128 19.21 -11.78 -19.78
C SER D 128 20.70 -11.65 -20.07
N VAL D 129 21.30 -10.56 -19.61
CA VAL D 129 22.73 -10.37 -19.80
C VAL D 129 23.53 -11.51 -19.16
N ALA D 130 23.18 -11.85 -17.92
CA ALA D 130 23.87 -12.92 -17.19
C ALA D 130 23.73 -14.28 -17.88
N ALA D 131 22.61 -14.48 -18.57
CA ALA D 131 22.30 -15.78 -19.17
C ALA D 131 22.80 -15.92 -20.60
N MET D 132 23.19 -14.81 -21.21
CA MET D 132 23.46 -14.77 -22.63
C MET D 132 24.58 -15.73 -23.08
N PRO D 133 25.69 -15.76 -22.34
CA PRO D 133 26.73 -16.73 -22.74
C PRO D 133 26.18 -18.15 -22.85
N MET D 134 25.54 -18.63 -21.79
CA MET D 134 24.96 -19.98 -21.82
C MET D 134 23.95 -20.15 -22.95
N LEU D 135 23.10 -19.15 -23.17
CA LEU D 135 22.09 -19.22 -24.22
C LEU D 135 22.70 -19.24 -25.62
N MET D 136 23.78 -18.51 -25.79
CA MET D 136 24.45 -18.49 -27.09
C MET D 136 25.05 -19.86 -27.39
N GLN D 137 25.65 -20.46 -26.37
CA GLN D 137 26.26 -21.77 -26.51
C GLN D 137 25.22 -22.84 -26.89
N SER D 138 24.04 -22.74 -26.28
CA SER D 138 22.97 -23.71 -26.51
C SER D 138 22.03 -23.26 -27.62
N GLN D 139 22.30 -22.10 -28.20
CA GLN D 139 21.39 -21.49 -29.15
C GLN D 139 19.96 -21.53 -28.61
N GLY D 140 19.82 -21.14 -27.35
CA GLY D 140 18.55 -21.24 -26.64
C GLY D 140 17.60 -20.07 -26.86
N SER D 141 16.69 -19.87 -25.92
CA SER D 141 15.58 -18.95 -26.11
C SER D 141 15.26 -18.15 -24.85
N ILE D 142 14.61 -17.00 -25.03
CA ILE D 142 14.16 -16.19 -23.91
C ILE D 142 12.68 -15.88 -24.07
N ALA D 143 11.89 -16.19 -23.06
CA ALA D 143 10.50 -15.74 -23.02
C ALA D 143 10.42 -14.50 -22.16
N VAL D 144 9.94 -13.41 -22.76
CA VAL D 144 9.69 -12.17 -22.03
C VAL D 144 8.18 -12.02 -21.81
N VAL D 145 7.72 -12.20 -20.57
CA VAL D 145 6.29 -12.21 -20.31
C VAL D 145 5.77 -10.80 -20.09
N SER D 146 4.88 -10.38 -20.97
CA SER D 146 4.35 -9.03 -20.93
C SER D 146 2.84 -9.07 -20.93
N SER D 147 2.23 -8.00 -21.41
CA SER D 147 0.82 -7.80 -21.17
C SER D 147 0.19 -6.99 -22.29
N VAL D 148 -1.13 -7.13 -22.46
CA VAL D 148 -1.88 -6.26 -23.35
C VAL D 148 -1.59 -4.81 -23.00
N ALA D 149 -1.35 -4.56 -21.71
CA ALA D 149 -0.99 -3.23 -21.22
C ALA D 149 0.46 -2.87 -21.54
N GLY D 150 1.16 -3.76 -22.23
CA GLY D 150 2.47 -3.45 -22.77
C GLY D 150 2.42 -3.11 -24.26
N LYS D 151 1.20 -3.02 -24.80
CA LYS D 151 0.98 -2.75 -26.23
C LYS D 151 -0.02 -1.60 -26.42
N ILE D 152 -0.93 -1.46 -25.47
CA ILE D 152 -1.85 -0.33 -25.46
C ILE D 152 -1.97 0.14 -24.02
N THR D 153 -2.63 1.27 -23.80
CA THR D 153 -2.72 1.80 -22.45
C THR D 153 -4.10 1.68 -21.83
N TYR D 154 -4.10 1.44 -20.52
CA TYR D 154 -5.30 1.31 -19.71
C TYR D 154 -5.19 2.26 -18.53
N PRO D 155 -6.28 2.98 -18.24
CA PRO D 155 -6.31 3.75 -16.99
C PRO D 155 -5.89 2.82 -15.85
N LEU D 156 -5.56 3.16 -15.13
CA LEU D 156 -5.35 2.72 -13.75
C LEU D 156 -4.09 1.92 -13.49
N ILE D 157 -3.10 1.89 -14.28
CA ILE D 157 -1.87 1.10 -14.18
C ILE D 157 -0.67 1.73 -14.91
N ALA D 158 -0.53 3.05 -14.81
CA ALA D 158 0.60 3.75 -15.43
C ALA D 158 2.00 3.19 -15.12
N PRO D 159 2.31 2.94 -13.84
CA PRO D 159 3.64 2.41 -13.49
C PRO D 159 3.92 1.05 -14.12
N TYR D 160 2.93 0.17 -14.10
CA TYR D 160 3.04 -1.17 -14.69
C TYR D 160 3.20 -1.08 -16.20
N SER D 161 2.39 -0.24 -16.82
CA SER D 161 2.38 -0.13 -18.27
C SER D 161 3.70 0.43 -18.79
N ALA D 162 4.22 1.45 -18.13
CA ALA D 162 5.54 2.00 -18.49
C ALA D 162 6.62 0.90 -18.57
N SER D 163 6.67 0.04 -17.56
CA SER D 163 7.70 -1.00 -17.47
C SER D 163 7.50 -2.10 -18.52
N LYS D 164 6.24 -2.40 -18.87
CA LYS D 164 5.94 -3.39 -19.89
C LYS D 164 6.20 -2.85 -21.31
N PHE D 165 5.87 -1.58 -21.54
CA PHE D 165 6.26 -0.89 -22.78
C PHE D 165 7.78 -0.93 -22.93
N ALA D 166 8.49 -0.54 -21.88
CA ALA D 166 9.95 -0.58 -21.86
C ALA D 166 10.47 -1.94 -22.34
N LEU D 167 9.87 -3.01 -21.86
CA LEU D 167 10.32 -4.36 -22.23
C LEU D 167 10.24 -4.55 -23.74
N ASP D 168 9.13 -4.12 -24.33
CA ASP D 168 8.93 -4.21 -25.77
C ASP D 168 10.04 -3.45 -26.50
N GLY D 169 10.24 -2.19 -26.13
CA GLY D 169 11.30 -1.40 -26.74
C GLY D 169 12.66 -2.08 -26.69
N PHE D 170 13.04 -2.54 -25.50
CA PHE D 170 14.37 -3.12 -25.33
C PHE D 170 14.54 -4.46 -26.05
N PHE D 171 13.70 -5.43 -25.72
CA PHE D 171 13.87 -6.78 -26.25
C PHE D 171 13.57 -6.91 -27.74
N SER D 172 12.68 -6.07 -28.25
CA SER D 172 12.43 -6.03 -29.70
C SER D 172 13.63 -5.48 -30.44
N THR D 173 14.31 -4.52 -29.84
CA THR D 173 15.51 -3.98 -30.45
C THR D 173 16.62 -5.02 -30.43
N LEU D 174 16.75 -5.71 -29.29
CA LEU D 174 17.74 -6.76 -29.14
C LEU D 174 17.54 -7.88 -30.15
N ARG D 175 16.30 -8.30 -30.34
CA ARG D 175 15.97 -9.34 -31.32
C ARG D 175 16.44 -8.95 -32.73
N SER D 176 16.10 -7.72 -33.14
CA SER D 176 16.53 -7.19 -34.43
C SER D 176 18.04 -7.25 -34.60
N GLU D 177 18.77 -6.97 -33.52
CA GLU D 177 20.22 -6.99 -33.57
C GLU D 177 20.73 -8.43 -33.72
N PHE D 178 20.16 -9.32 -32.93
CA PHE D 178 20.48 -10.74 -32.99
C PHE D 178 20.27 -11.29 -34.40
N LEU D 179 19.25 -10.79 -35.09
CA LEU D 179 18.97 -11.21 -36.46
C LEU D 179 20.01 -10.68 -37.44
N VAL D 180 20.30 -9.38 -37.32
CA VAL D 180 21.31 -8.75 -38.15
C VAL D 180 22.69 -9.39 -37.97
N ASN D 181 22.98 -9.82 -36.74
CA ASN D 181 24.27 -10.44 -36.44
C ASN D 181 24.24 -11.97 -36.46
N LYS D 182 23.10 -12.53 -36.87
CA LYS D 182 22.92 -13.96 -36.95
C LYS D 182 23.27 -14.70 -35.65
N VAL D 183 23.00 -14.05 -34.52
CA VAL D 183 23.06 -14.70 -33.22
C VAL D 183 21.79 -15.54 -33.09
N ASN D 184 21.95 -16.83 -32.84
CA ASN D 184 20.79 -17.71 -32.82
C ASN D 184 20.20 -17.96 -31.43
N VAL D 185 19.89 -16.87 -30.74
CA VAL D 185 19.11 -16.93 -29.51
C VAL D 185 17.78 -16.27 -29.81
N SER D 186 16.68 -17.00 -29.63
CA SER D 186 15.37 -16.45 -29.95
C SER D 186 14.80 -15.67 -28.76
N ILE D 187 14.08 -14.60 -29.07
CA ILE D 187 13.44 -13.78 -28.06
C ILE D 187 11.94 -13.70 -28.33
N THR D 188 11.15 -14.27 -27.43
CA THR D 188 9.71 -14.31 -27.58
C THR D 188 8.99 -13.38 -26.61
N LEU D 189 8.28 -12.39 -27.14
CA LEU D 189 7.50 -11.49 -26.30
C LEU D 189 6.08 -12.04 -26.17
N CYS D 190 5.69 -12.35 -24.95
CA CYS D 190 4.37 -12.92 -24.69
C CYS D 190 3.41 -11.82 -24.24
N ILE D 191 2.30 -11.68 -24.97
CA ILE D 191 1.32 -10.64 -24.68
C ILE D 191 0.07 -11.29 -24.12
N LEU D 192 -0.18 -11.07 -22.84
CA LEU D 192 -1.28 -11.76 -22.16
C LEU D 192 -2.45 -10.84 -21.88
N GLY D 193 -3.66 -11.35 -22.12
CA GLY D 193 -4.87 -10.69 -21.67
C GLY D 193 -5.07 -10.99 -20.19
N LEU D 194 -6.25 -10.69 -19.66
CA LEU D 194 -6.58 -11.04 -18.28
C LEU D 194 -6.52 -12.55 -18.08
N ILE D 195 -5.69 -12.98 -17.15
CA ILE D 195 -5.53 -14.39 -16.83
C ILE D 195 -6.04 -14.64 -15.41
N ASP D 196 -6.70 -15.76 -15.18
CA ASP D 196 -7.35 -16.00 -13.91
C ASP D 196 -6.42 -16.45 -12.79
N THR D 197 -5.33 -15.72 -12.58
CA THR D 197 -4.51 -15.96 -11.38
C THR D 197 -5.19 -15.27 -10.19
N GLU D 198 -4.92 -15.76 -8.99
CA GLU D 198 -5.57 -15.22 -7.81
C GLU D 198 -5.29 -13.74 -7.71
N THR D 199 -4.04 -13.36 -8.00
CA THR D 199 -3.60 -11.97 -7.91
C THR D 199 -4.35 -11.06 -8.88
N ALA D 200 -4.48 -11.48 -10.13
CA ALA D 200 -5.13 -10.63 -11.14
C ALA D 200 -6.63 -10.51 -10.87
N ILE D 201 -7.23 -11.60 -10.38
CA ILE D 201 -8.66 -11.58 -10.07
C ILE D 201 -9.01 -10.66 -8.91
N LYS D 202 -8.18 -10.67 -7.87
CA LYS D 202 -8.37 -9.76 -6.74
C LYS D 202 -8.18 -8.31 -7.16
N ALA D 203 -7.14 -8.04 -7.94
CA ALA D 203 -6.82 -6.68 -8.33
C ALA D 203 -7.93 -6.02 -9.15
N THR D 204 -8.77 -6.83 -9.80
CA THR D 204 -9.69 -6.33 -10.83
C THR D 204 -11.17 -6.68 -10.69
N SER D 205 -11.63 -7.39 -9.78
CA SER D 205 -12.83 -8.22 -9.75
C SER D 205 -13.97 -7.33 -10.27
N GLY D 206 -14.38 -6.34 -9.46
CA GLY D 206 -15.56 -5.54 -9.79
C GLY D 206 -15.23 -4.21 -10.43
N ILE D 207 -14.08 -4.14 -11.09
CA ILE D 207 -13.59 -2.92 -11.72
C ILE D 207 -13.46 -3.14 -13.22
N TYR D 208 -12.63 -4.12 -13.60
CA TYR D 208 -12.54 -4.53 -15.00
C TYR D 208 -13.41 -5.75 -15.18
N LEU D 209 -14.30 -5.67 -16.17
CA LEU D 209 -15.40 -6.60 -16.29
C LEU D 209 -15.18 -7.65 -17.37
N GLY D 210 -14.08 -7.54 -18.09
CA GLY D 210 -13.78 -8.48 -19.15
C GLY D 210 -13.59 -9.89 -18.60
N PRO D 211 -13.67 -10.89 -19.48
CA PRO D 211 -13.47 -12.27 -19.05
C PRO D 211 -11.99 -12.58 -18.89
N ALA D 212 -11.66 -13.47 -17.94
CA ALA D 212 -10.30 -13.93 -17.74
C ALA D 212 -10.08 -15.26 -18.47
N SER D 213 -8.86 -15.47 -18.94
CA SER D 213 -8.50 -16.75 -19.56
C SER D 213 -7.81 -17.66 -18.54
N PRO D 214 -7.91 -18.98 -18.74
CA PRO D 214 -7.35 -19.95 -17.78
C PRO D 214 -5.83 -19.88 -17.74
N LYS D 215 -5.24 -19.99 -16.55
CA LYS D 215 -3.81 -19.87 -16.39
C LYS D 215 -3.06 -21.10 -16.90
N GLU D 216 -3.67 -22.27 -16.75
CA GLU D 216 -3.01 -23.51 -17.20
C GLU D 216 -2.69 -23.49 -18.69
N GLU D 217 -3.68 -23.11 -19.50
CA GLU D 217 -3.50 -23.03 -20.95
C GLU D 217 -2.57 -21.87 -21.32
N CYS D 218 -2.68 -20.77 -20.58
CA CYS D 218 -1.79 -19.63 -20.76
C CYS D 218 -0.33 -20.03 -20.67
N ALA D 219 0.01 -20.75 -19.60
CA ALA D 219 1.36 -21.22 -19.32
C ALA D 219 1.88 -22.14 -20.42
N LEU D 220 1.02 -23.03 -20.90
CA LEU D 220 1.38 -23.94 -22.00
C LEU D 220 1.64 -23.16 -23.29
N GLU D 221 0.79 -22.17 -23.58
CA GLU D 221 0.97 -21.37 -24.78
C GLU D 221 2.26 -20.56 -24.75
N ILE D 222 2.67 -20.13 -23.57
CA ILE D 222 3.95 -19.44 -23.43
C ILE D 222 5.10 -20.38 -23.74
N ILE D 223 5.01 -21.61 -23.23
CA ILE D 223 6.04 -22.60 -23.48
C ILE D 223 6.14 -22.92 -24.97
N LYS D 224 4.99 -23.15 -25.60
CA LYS D 224 4.95 -23.49 -27.02
C LYS D 224 5.53 -22.40 -27.90
N GLY D 225 5.06 -21.17 -27.71
CA GLY D 225 5.49 -20.04 -28.51
C GLY D 225 6.98 -19.81 -28.40
N THR D 226 7.54 -20.05 -27.21
CA THR D 226 8.96 -19.87 -26.99
C THR D 226 9.76 -21.01 -27.60
N ALA D 227 9.24 -22.23 -27.46
CA ALA D 227 9.90 -23.41 -28.02
C ALA D 227 9.98 -23.30 -29.52
N LEU D 228 8.89 -22.81 -30.13
CA LEU D 228 8.83 -22.64 -31.57
C LEU D 228 9.53 -21.35 -32.01
N ARG D 229 10.18 -20.68 -31.06
CA ARG D 229 11.01 -19.51 -31.35
C ARG D 229 10.25 -18.37 -32.07
N GLN D 230 8.99 -18.18 -31.71
CA GLN D 230 8.19 -17.09 -32.27
C GLN D 230 8.65 -15.74 -31.72
N ASP D 231 8.53 -14.71 -32.54
CA ASP D 231 8.84 -13.36 -32.12
C ASP D 231 7.88 -12.88 -31.04
N GLU D 232 6.59 -13.14 -31.26
CA GLU D 232 5.57 -12.76 -30.29
C GLU D 232 4.54 -13.86 -30.10
N MET D 233 3.93 -13.89 -28.92
CA MET D 233 2.91 -14.90 -28.65
C MET D 233 1.76 -14.20 -27.96
N TYR D 234 0.60 -14.23 -28.60
CA TYR D 234 -0.59 -13.55 -28.09
C TYR D 234 -1.57 -14.54 -27.45
N TYR D 235 -1.92 -14.29 -26.19
CA TYR D 235 -2.94 -15.09 -25.51
C TYR D 235 -3.88 -14.14 -24.77
N VAL D 236 -4.91 -13.68 -25.47
CA VAL D 236 -5.69 -12.54 -25.00
C VAL D 236 -7.18 -12.79 -24.96
N GLY D 237 -7.59 -14.02 -25.24
CA GLY D 237 -8.98 -14.42 -25.07
C GLY D 237 -9.84 -14.08 -26.27
N SER D 238 -9.19 -13.81 -27.40
CA SER D 238 -9.90 -13.56 -28.65
C SER D 238 -8.95 -13.88 -29.79
N ARG D 239 -9.48 -14.45 -30.86
CA ARG D 239 -8.66 -14.81 -32.01
C ARG D 239 -8.43 -13.59 -32.90
N TRP D 240 -9.17 -12.53 -32.65
CA TRP D 240 -9.11 -11.35 -33.52
C TRP D 240 -8.26 -10.23 -32.91
N VAL D 241 -8.39 -10.06 -31.59
CA VAL D 241 -7.74 -8.95 -30.90
C VAL D 241 -6.22 -8.85 -31.17
N PRO D 242 -5.52 -9.99 -31.28
CA PRO D 242 -4.08 -9.92 -31.53
C PRO D 242 -3.69 -9.04 -32.72
N TYR D 243 -4.56 -8.96 -33.73
CA TYR D 243 -4.23 -8.20 -34.91
C TYR D 243 -4.45 -6.71 -34.72
N LEU D 244 -5.28 -6.34 -33.76
CA LEU D 244 -5.46 -4.93 -33.39
C LEU D 244 -4.36 -4.50 -32.45
N LEU D 245 -3.64 -5.47 -31.88
CA LEU D 245 -2.55 -5.19 -30.95
C LEU D 245 -1.21 -5.25 -31.65
N GLY D 246 -1.14 -6.11 -32.66
CA GLY D 246 0.10 -6.46 -33.34
C GLY D 246 0.67 -5.42 -34.27
N ASN D 247 -0.09 -4.37 -34.55
CA ASN D 247 0.45 -3.19 -35.24
C ASN D 247 1.17 -3.51 -36.56
N PRO D 248 0.40 -3.83 -37.61
CA PRO D 248 0.97 -4.09 -38.94
C PRO D 248 1.89 -2.95 -39.40
N GLY D 249 1.52 -1.71 -39.10
CA GLY D 249 2.30 -0.56 -39.53
C GLY D 249 3.74 -0.62 -39.03
N ARG D 250 3.90 -0.99 -37.77
CA ARG D 250 5.22 -1.04 -37.14
C ARG D 250 6.09 -2.11 -37.79
N LYS D 251 5.50 -3.27 -38.04
CA LYS D 251 6.24 -4.37 -38.65
C LYS D 251 6.73 -3.97 -40.04
N ILE D 252 5.85 -3.33 -40.82
CA ILE D 252 6.24 -2.81 -42.12
C ILE D 252 7.39 -1.83 -42.01
N MET D 253 7.23 -0.84 -41.13
CA MET D 253 8.25 0.20 -40.93
C MET D 253 9.60 -0.38 -40.54
N GLU D 254 9.60 -1.34 -39.61
CA GLU D 254 10.84 -1.94 -39.16
C GLU D 254 11.53 -2.71 -40.29
N GLU D 255 10.72 -3.40 -41.12
CA GLU D 255 11.24 -4.15 -42.25
C GLU D 255 11.88 -3.21 -43.27
N LEU D 256 11.23 -2.07 -43.52
CA LEU D 256 11.68 -1.12 -44.52
C LEU D 256 12.88 -0.28 -44.08
N SER D 257 12.90 0.10 -42.80
CA SER D 257 13.96 0.96 -42.28
C SER D 257 15.29 0.22 -42.16
N ALA D 258 15.26 -1.09 -42.25
CA ALA D 258 16.48 -1.90 -42.19
C ALA D 258 17.33 -1.62 -43.41
N ALA D 259 16.69 -1.14 -44.48
CA ALA D 259 17.39 -0.84 -45.73
C ALA D 259 18.04 0.53 -45.68
N GLU D 260 17.81 1.27 -44.60
CA GLU D 260 18.36 2.61 -44.46
C GLU D 260 19.73 2.59 -43.80
N TYR D 261 20.17 1.41 -43.38
CA TYR D 261 21.44 1.26 -42.67
C TYR D 261 22.61 0.98 -43.60
N ASN D 262 23.73 1.63 -43.31
CA ASN D 262 24.98 1.34 -44.01
C ASN D 262 25.60 0.08 -43.41
N TRP D 263 25.01 -1.05 -43.77
CA TRP D 263 25.38 -2.38 -43.26
C TRP D 263 26.76 -2.78 -43.73
N ASP D 264 27.13 -2.34 -44.93
CA ASP D 264 28.47 -2.56 -45.42
C ASP D 264 29.41 -2.18 -44.28
N ASN D 265 29.15 -1.00 -43.73
CA ASN D 265 29.91 -0.47 -42.61
C ASN D 265 29.56 -1.16 -41.29
N VAL D 266 28.29 -1.12 -40.91
CA VAL D 266 27.91 -1.51 -39.57
C VAL D 266 28.42 -2.90 -39.20
N LEU D 267 28.16 -3.87 -40.07
CA LEU D 267 28.53 -5.26 -39.78
C LEU D 267 30.04 -5.50 -39.83
N SER D 268 30.78 -4.48 -40.26
CA SER D 268 32.24 -4.57 -40.34
C SER D 268 32.90 -3.52 -39.45
N ASN D 269 32.14 -3.00 -38.48
CA ASN D 269 32.65 -1.99 -37.57
C ASN D 269 32.86 -2.53 -36.17
N GLU D 270 34.13 -2.68 -35.81
CA GLU D 270 34.54 -3.23 -34.53
C GLU D 270 33.96 -2.46 -33.34
N LYS D 271 33.78 -1.15 -33.50
CA LYS D 271 33.39 -0.30 -32.38
C LYS D 271 31.96 -0.53 -31.93
N LEU D 272 31.14 -1.14 -32.81
CA LEU D 272 29.76 -1.40 -32.46
C LEU D 272 29.61 -2.77 -31.78
N TYR D 273 30.72 -3.47 -31.63
CA TYR D 273 30.71 -4.80 -31.01
C TYR D 273 31.59 -4.92 -29.79
N GLY D 274 31.18 -5.81 -28.91
CA GLY D 274 32.03 -6.26 -27.82
C GLY D 274 31.43 -7.61 -27.47
N ARG D 275 31.64 -8.08 -26.25
CA ARG D 275 30.75 -9.13 -25.78
C ARG D 275 30.46 -9.08 -24.29
N TRP D 276 29.87 -10.15 -23.80
CA TRP D 276 29.24 -10.18 -22.49
C TRP D 276 30.14 -10.82 -21.45
#